data_9NY8
#
_entry.id   9NY8
#
_cell.length_a   125.530
_cell.length_b   125.530
_cell.length_c   122.310
_cell.angle_alpha   90.00
_cell.angle_beta   90.00
_cell.angle_gamma   120.00
#
_symmetry.space_group_name_H-M   'P 31 2 1'
#
loop_
_entity.id
_entity.type
_entity.pdbx_description
1 polymer 'Ribose operon repressor'
2 polymer 'ribose operon'
3 polymer 'ribose operon'
4 non-polymer 'SULFATE ION'
5 water water
#
loop_
_entity_poly.entity_id
_entity_poly.type
_entity_poly.pdbx_seq_one_letter_code
_entity_poly.pdbx_strand_id
1 'polypeptide(L)'
;SATMKDVARLAGVSTSTVSHVINKDRFVSEAITAKVEAAIKELNYAPSALARSLKLNQTHTIGMLITASTNPFYSELVRG
VERSCFERGYSLVLCNTEGDEQRMNRNLETLMQKRVDGLLLLCTETHQPSREIMQRYPTVPTVMMDWAPFDGDSDLIQDN
SLLGGDLATQYLIDKGHTRIACITGPLDKTPARLRLEGYRAAMKRAGLNIPDGYEVTGDFEFNGGFDAMRQLLSHPLRPQ
AVFTGNDAMAVGVYQALYQAELQVPQDIAVIGYDDIELASFMTPPLTTIHQPKDELGELAIDVLIHRITQPTLQQQRLQL
TPILMERGSA
;
A,B
2 'polydeoxyribonucleotide'
;(DG)(DT)(DG)(DG)(DG)(DT)(DC)(DA)(DG)(DC)(DG)(DA)(DA)(DA)(DC)(DG)(DT)(DT)(DT)(DC)
(DG)(DC)(DT)(DG)(DA)(DT)(DG)(DG)(DA)(DG)
;
C
3 'polydeoxyribonucleotide'
;(DC)(DT)(DC)(DC)(DA)(DT)(DC)(DA)(DG)(DC)(DG)(DA)(DA)(DA)(DC)(DG)(DT)(DT)(DT)(DC)
(DG)(DC)(DT)(DG)(DA)(DC)(DC)(DC)(DA)(DC)
;
D
#
loop_
_chem_comp.id
_chem_comp.type
_chem_comp.name
_chem_comp.formula
DA DNA linking 2'-DEOXYADENOSINE-5'-MONOPHOSPHATE 'C10 H14 N5 O6 P'
DC DNA linking 2'-DEOXYCYTIDINE-5'-MONOPHOSPHATE 'C9 H14 N3 O7 P'
DG DNA linking 2'-DEOXYGUANOSINE-5'-MONOPHOSPHATE 'C10 H14 N5 O7 P'
DT DNA linking THYMIDINE-5'-MONOPHOSPHATE 'C10 H15 N2 O8 P'
SO4 non-polymer 'SULFATE ION' 'O4 S -2'
#
# COMPACT_ATOMS: atom_id res chain seq x y z
N SER A 1 19.65 -1.82 26.87
CA SER A 1 18.94 -3.09 26.92
C SER A 1 19.88 -4.25 27.20
N ALA A 2 19.32 -5.33 27.73
CA ALA A 2 20.09 -6.52 28.09
C ALA A 2 20.37 -7.37 26.87
N THR A 3 21.61 -7.83 26.75
CA THR A 3 22.03 -8.73 25.69
C THR A 3 22.17 -10.14 26.23
N MET A 4 22.35 -11.11 25.32
CA MET A 4 22.62 -12.49 25.69
C MET A 4 23.85 -12.59 26.57
N LYS A 5 24.75 -11.60 26.47
CA LYS A 5 25.93 -11.52 27.31
C LYS A 5 25.55 -11.20 28.75
N ASP A 6 24.65 -10.24 28.92
CA ASP A 6 24.15 -9.87 30.24
C ASP A 6 23.44 -11.06 30.88
N VAL A 7 22.62 -11.75 30.10
CA VAL A 7 21.96 -12.97 30.53
C VAL A 7 22.97 -14.00 31.00
N ALA A 8 23.98 -14.25 30.17
CA ALA A 8 24.98 -15.27 30.43
C ALA A 8 25.75 -14.98 31.72
N ARG A 9 26.04 -13.70 31.97
CA ARG A 9 26.77 -13.28 33.15
C ARG A 9 25.97 -13.56 34.42
N LEU A 10 24.67 -13.23 34.37
CA LEU A 10 23.78 -13.42 35.51
C LEU A 10 23.51 -14.89 35.78
N ALA A 11 23.34 -15.68 34.71
CA ALA A 11 23.16 -17.12 34.84
C ALA A 11 24.49 -17.85 34.99
N GLY A 12 25.61 -17.14 34.86
CA GLY A 12 26.93 -17.71 35.04
C GLY A 12 27.25 -18.81 34.03
N VAL A 13 27.00 -18.52 32.75
CA VAL A 13 27.18 -19.49 31.69
C VAL A 13 27.77 -18.82 30.45
N SER A 14 28.11 -19.64 29.44
CA SER A 14 28.57 -19.15 28.16
C SER A 14 27.40 -18.62 27.33
N THR A 15 27.69 -17.66 26.45
CA THR A 15 26.70 -17.16 25.52
C THR A 15 26.28 -18.26 24.55
N SER A 16 27.18 -19.23 24.29
CA SER A 16 26.83 -20.38 23.48
C SER A 16 25.62 -21.10 24.07
N THR A 17 25.63 -21.30 25.40
CA THR A 17 24.55 -22.01 26.06
C THR A 17 23.28 -21.15 26.04
N VAL A 18 23.41 -19.85 26.31
CA VAL A 18 22.28 -18.94 26.20
C VAL A 18 21.64 -19.05 24.82
N SER A 19 22.46 -19.06 23.76
CA SER A 19 21.96 -19.22 22.41
C SER A 19 21.20 -20.53 22.27
N HIS A 20 21.77 -21.60 22.83
CA HIS A 20 21.17 -22.92 22.71
C HIS A 20 19.85 -23.04 23.45
N VAL A 21 19.75 -22.42 24.64
CA VAL A 21 18.48 -22.35 25.34
C VAL A 21 17.44 -21.69 24.44
N ILE A 22 17.76 -20.48 23.95
CA ILE A 22 16.82 -19.70 23.17
C ILE A 22 16.43 -20.40 21.87
N ASN A 23 17.42 -20.98 21.18
CA ASN A 23 17.19 -21.53 19.85
C ASN A 23 16.78 -23.00 19.85
N LYS A 24 17.01 -23.70 20.97
CA LYS A 24 16.65 -25.12 21.09
C LYS A 24 17.31 -25.95 19.99
N ASP A 25 18.61 -25.72 19.77
CA ASP A 25 19.32 -26.31 18.64
C ASP A 25 20.39 -27.31 19.06
N ARG A 26 20.71 -27.34 20.36
CA ARG A 26 21.69 -28.26 20.94
C ARG A 26 21.26 -28.54 22.37
N PHE A 27 21.48 -29.78 22.85
CA PHE A 27 21.00 -30.15 24.16
C PHE A 27 21.59 -29.25 25.26
N VAL A 28 20.71 -28.75 26.14
CA VAL A 28 21.14 -28.10 27.37
C VAL A 28 20.35 -28.69 28.53
N SER A 29 21.05 -28.97 29.65
CA SER A 29 20.43 -29.56 30.82
C SER A 29 19.30 -28.67 31.36
N GLU A 30 18.37 -29.33 32.06
CA GLU A 30 17.15 -28.70 32.56
C GLU A 30 17.47 -27.56 33.53
N ALA A 31 18.45 -27.81 34.41
CA ALA A 31 18.90 -26.81 35.37
C ALA A 31 19.43 -25.55 34.69
N ILE A 32 20.37 -25.73 33.76
CA ILE A 32 20.96 -24.60 33.04
C ILE A 32 19.87 -23.82 32.32
N THR A 33 19.01 -24.56 31.60
CA THR A 33 17.89 -23.94 30.90
C THR A 33 17.10 -23.02 31.82
N ALA A 34 16.71 -23.55 32.98
CA ALA A 34 15.93 -22.81 33.96
C ALA A 34 16.64 -21.53 34.41
N LYS A 35 17.93 -21.65 34.75
CA LYS A 35 18.73 -20.50 35.13
C LYS A 35 18.68 -19.41 34.07
N VAL A 36 18.90 -19.81 32.81
CA VAL A 36 18.90 -18.90 31.67
C VAL A 36 17.54 -18.23 31.50
N GLU A 37 16.46 -19.03 31.58
CA GLU A 37 15.13 -18.50 31.42
C GLU A 37 14.81 -17.48 32.51
N ALA A 38 15.24 -17.78 33.74
CA ALA A 38 15.09 -16.86 34.85
C ALA A 38 15.79 -15.55 34.54
N ALA A 39 17.05 -15.65 34.06
CA ALA A 39 17.84 -14.48 33.73
C ALA A 39 17.21 -13.64 32.63
N ILE A 40 16.58 -14.31 31.65
CA ILE A 40 15.90 -13.63 30.57
C ILE A 40 14.73 -12.79 31.10
N LYS A 41 13.88 -13.43 31.91
CA LYS A 41 12.75 -12.75 32.51
C LYS A 41 13.22 -11.69 33.48
N GLU A 42 14.29 -11.98 34.24
CA GLU A 42 14.80 -11.07 35.24
C GLU A 42 15.28 -9.79 34.57
N LEU A 43 16.24 -9.91 33.64
CA LEU A 43 16.79 -8.77 32.94
C LEU A 43 15.85 -8.19 31.90
N ASN A 44 14.78 -8.92 31.59
CA ASN A 44 13.85 -8.55 30.53
C ASN A 44 14.66 -8.37 29.25
N TYR A 45 15.26 -9.47 28.80
CA TYR A 45 16.12 -9.52 27.62
C TYR A 45 15.34 -9.18 26.35
N ALA A 46 15.91 -8.28 25.55
CA ALA A 46 15.32 -7.80 24.32
C ALA A 46 16.14 -8.24 23.11
N PRO A 47 15.80 -9.39 22.47
CA PRO A 47 16.59 -9.91 21.36
C PRO A 47 16.74 -8.93 20.20
N SER A 48 17.95 -8.90 19.62
CA SER A 48 18.22 -8.11 18.43
C SER A 48 18.26 -9.04 17.22
N ALA A 49 17.25 -8.93 16.36
CA ALA A 49 17.22 -9.65 15.10
C ALA A 49 18.31 -9.11 14.17
N LEU A 50 18.60 -7.81 14.30
CA LEU A 50 19.68 -7.17 13.58
C LEU A 50 20.99 -7.94 13.74
N ALA A 51 21.40 -8.14 14.99
CA ALA A 51 22.68 -8.78 15.29
C ALA A 51 22.69 -10.22 14.83
N ARG A 52 21.54 -10.90 14.99
CA ARG A 52 21.37 -12.27 14.51
C ARG A 52 21.54 -12.33 12.99
N SER A 53 20.89 -11.39 12.29
CA SER A 53 20.97 -11.29 10.83
C SER A 53 22.38 -11.13 10.32
N LEU A 54 23.20 -10.32 11.01
CA LEU A 54 24.57 -10.11 10.60
C LEU A 54 25.33 -11.43 10.63
N LYS A 55 25.17 -12.18 11.74
CA LYS A 55 25.90 -13.42 11.93
C LYS A 55 25.38 -14.52 11.00
N LEU A 56 24.04 -14.61 10.87
CA LEU A 56 23.44 -15.65 10.06
C LEU A 56 23.38 -15.32 8.57
N ASN A 57 23.52 -14.03 8.25
CA ASN A 57 23.35 -13.54 6.90
C ASN A 57 21.97 -13.89 6.34
N GLN A 58 20.93 -13.65 7.15
CA GLN A 58 19.57 -13.64 6.66
C GLN A 58 18.69 -12.75 7.55
N THR A 59 17.81 -11.97 6.91
CA THR A 59 17.05 -10.94 7.59
C THR A 59 15.56 -11.23 7.75
N HIS A 60 15.07 -12.30 7.14
CA HIS A 60 13.64 -12.58 7.09
C HIS A 60 12.89 -11.33 6.66
N THR A 61 13.41 -10.69 5.61
CA THR A 61 12.80 -9.50 5.05
C THR A 61 12.74 -9.64 3.53
N ILE A 62 11.57 -9.30 2.97
CA ILE A 62 11.38 -9.26 1.53
C ILE A 62 11.31 -7.81 1.10
N GLY A 63 12.00 -7.49 0.00
CA GLY A 63 11.87 -6.18 -0.64
C GLY A 63 10.96 -6.26 -1.85
N MET A 64 10.09 -5.26 -2.00
CA MET A 64 9.15 -5.21 -3.12
C MET A 64 9.20 -3.85 -3.80
N LEU A 65 9.37 -3.88 -5.13
CA LEU A 65 9.32 -2.69 -5.96
C LEU A 65 8.05 -2.73 -6.79
N ILE A 66 7.32 -1.62 -6.79
CA ILE A 66 6.13 -1.46 -7.63
C ILE A 66 6.14 -0.07 -8.26
N THR A 67 5.33 0.10 -9.31
CA THR A 67 5.13 1.39 -9.92
C THR A 67 3.69 1.76 -9.58
N ALA A 68 3.51 2.39 -8.40
CA ALA A 68 2.20 2.62 -7.83
C ALA A 68 1.68 4.03 -8.10
N SER A 69 0.38 4.20 -7.84
CA SER A 69 -0.32 5.42 -8.20
C SER A 69 -1.66 5.41 -7.46
N THR A 70 -2.68 6.04 -8.05
CA THR A 70 -4.03 5.91 -7.52
C THR A 70 -4.74 4.64 -8.01
N ASN A 71 -4.12 3.92 -8.95
CA ASN A 71 -4.68 2.68 -9.46
C ASN A 71 -4.89 1.66 -8.34
N PRO A 72 -6.15 1.31 -8.00
CA PRO A 72 -6.43 0.41 -6.88
C PRO A 72 -5.84 -0.99 -7.03
N PHE A 73 -5.46 -1.36 -8.24
CA PHE A 73 -4.83 -2.64 -8.50
C PHE A 73 -3.70 -2.95 -7.53
N TYR A 74 -2.79 -1.97 -7.35
CA TYR A 74 -1.58 -2.20 -6.58
C TYR A 74 -1.87 -2.27 -5.08
N SER A 75 -2.94 -1.61 -4.64
CA SER A 75 -3.37 -1.71 -3.26
C SER A 75 -3.70 -3.17 -2.90
N GLU A 76 -4.49 -3.82 -3.75
CA GLU A 76 -4.91 -5.19 -3.50
C GLU A 76 -3.73 -6.15 -3.58
N LEU A 77 -2.82 -5.89 -4.53
CA LEU A 77 -1.61 -6.69 -4.67
C LEU A 77 -0.74 -6.63 -3.42
N VAL A 78 -0.45 -5.41 -2.94
CA VAL A 78 0.34 -5.23 -1.74
C VAL A 78 -0.29 -5.91 -0.52
N ARG A 79 -1.62 -5.83 -0.42
CA ARG A 79 -2.35 -6.45 0.67
C ARG A 79 -2.07 -7.95 0.72
N GLY A 80 -2.10 -8.60 -0.44
CA GLY A 80 -1.81 -10.01 -0.54
C GLY A 80 -0.37 -10.36 -0.16
N VAL A 81 0.57 -9.52 -0.63
CA VAL A 81 1.98 -9.73 -0.34
C VAL A 81 2.24 -9.61 1.16
N GLU A 82 1.74 -8.54 1.78
CA GLU A 82 1.99 -8.29 3.19
C GLU A 82 1.43 -9.42 4.04
N ARG A 83 0.22 -9.87 3.71
CA ARG A 83 -0.43 -10.94 4.45
C ARG A 83 0.41 -12.21 4.35
N SER A 84 0.86 -12.52 3.13
CA SER A 84 1.64 -13.73 2.90
C SER A 84 2.97 -13.69 3.65
N CYS A 85 3.63 -12.52 3.63
CA CYS A 85 4.87 -12.33 4.35
C CYS A 85 4.66 -12.63 5.83
N PHE A 86 3.65 -11.98 6.43
CA PHE A 86 3.35 -12.19 7.83
C PHE A 86 3.17 -13.66 8.20
N GLU A 87 2.36 -14.37 7.40
CA GLU A 87 2.11 -15.77 7.62
C GLU A 87 3.37 -16.63 7.56
N ARG A 88 4.36 -16.19 6.76
CA ARG A 88 5.58 -16.95 6.56
C ARG A 88 6.75 -16.49 7.44
N GLY A 89 6.52 -15.48 8.27
CA GLY A 89 7.53 -14.99 9.19
C GLY A 89 8.51 -13.99 8.57
N TYR A 90 8.04 -13.22 7.58
CA TYR A 90 8.86 -12.23 6.91
C TYR A 90 8.27 -10.83 7.06
N SER A 91 9.16 -9.84 7.09
CA SER A 91 8.77 -8.44 6.97
C SER A 91 8.78 -8.00 5.52
N LEU A 92 8.00 -6.96 5.21
CA LEU A 92 7.93 -6.41 3.87
C LEU A 92 8.47 -4.99 3.82
N VAL A 93 9.50 -4.78 2.98
CA VAL A 93 9.95 -3.44 2.66
C VAL A 93 9.33 -3.06 1.31
N LEU A 94 8.64 -1.92 1.30
CA LEU A 94 7.90 -1.47 0.13
C LEU A 94 8.61 -0.29 -0.52
N CYS A 95 8.82 -0.40 -1.84
CA CYS A 95 9.41 0.68 -2.62
C CYS A 95 8.52 1.00 -3.82
N ASN A 96 8.30 2.30 -4.05
CA ASN A 96 7.55 2.76 -5.21
C ASN A 96 8.51 3.49 -6.13
N THR A 97 8.69 2.95 -7.34
CA THR A 97 9.61 3.52 -8.32
C THR A 97 9.04 4.80 -8.91
N GLU A 98 7.70 4.86 -9.00
CA GLU A 98 6.99 6.05 -9.42
C GLU A 98 7.38 6.45 -10.83
N GLY A 99 7.79 5.46 -11.65
CA GLY A 99 8.20 5.70 -13.02
C GLY A 99 9.69 5.97 -13.16
N ASP A 100 10.25 6.75 -12.23
CA ASP A 100 11.65 7.16 -12.28
C ASP A 100 12.60 5.96 -12.20
N GLU A 101 13.68 6.01 -12.99
CA GLU A 101 14.60 4.90 -13.14
C GLU A 101 15.75 4.96 -12.14
N GLN A 102 16.26 6.17 -11.89
CA GLN A 102 17.29 6.37 -10.89
C GLN A 102 16.71 6.05 -9.51
N ARG A 103 15.49 6.52 -9.25
CA ARG A 103 14.77 6.21 -8.03
C ARG A 103 14.69 4.69 -7.84
N MET A 104 14.35 3.98 -8.92
CA MET A 104 14.25 2.53 -8.88
C MET A 104 15.60 1.92 -8.50
N ASN A 105 16.67 2.36 -9.17
CA ASN A 105 18.00 1.81 -8.91
C ASN A 105 18.49 2.15 -7.50
N ARG A 106 18.15 3.35 -7.01
CA ARG A 106 18.51 3.73 -5.65
C ARG A 106 17.78 2.87 -4.63
N ASN A 107 16.49 2.60 -4.88
CA ASN A 107 15.71 1.71 -4.04
C ASN A 107 16.34 0.31 -3.98
N LEU A 108 16.68 -0.22 -5.16
CA LEU A 108 17.25 -1.54 -5.29
C LEU A 108 18.56 -1.67 -4.51
N GLU A 109 19.43 -0.65 -4.64
CA GLU A 109 20.70 -0.65 -3.94
C GLU A 109 20.50 -0.70 -2.42
N THR A 110 19.54 0.09 -1.91
CA THR A 110 19.25 0.07 -0.48
C THR A 110 18.83 -1.32 -0.03
N LEU A 111 17.93 -1.95 -0.80
CA LEU A 111 17.44 -3.27 -0.46
C LEU A 111 18.59 -4.29 -0.40
N MET A 112 19.47 -4.24 -1.40
CA MET A 112 20.59 -5.16 -1.45
C MET A 112 21.56 -4.89 -0.30
N GLN A 113 21.82 -3.60 -0.03
CA GLN A 113 22.64 -3.21 1.11
C GLN A 113 22.08 -3.66 2.45
N LYS A 114 20.75 -3.71 2.57
CA LYS A 114 20.11 -4.17 3.80
C LYS A 114 19.94 -5.69 3.81
N ARG A 115 20.35 -6.35 2.71
CA ARG A 115 20.46 -7.79 2.64
C ARG A 115 19.11 -8.48 2.84
N VAL A 116 18.11 -8.01 2.09
CA VAL A 116 16.81 -8.66 2.04
C VAL A 116 17.00 -10.06 1.48
N ASP A 117 16.19 -11.01 1.97
CA ASP A 117 16.34 -12.41 1.61
C ASP A 117 15.73 -12.71 0.24
N GLY A 118 14.83 -11.84 -0.23
CA GLY A 118 14.18 -12.03 -1.51
C GLY A 118 13.63 -10.73 -2.11
N LEU A 119 13.36 -10.76 -3.43
CA LEU A 119 12.91 -9.61 -4.19
C LEU A 119 11.65 -9.86 -5.02
N LEU A 120 10.64 -9.01 -4.83
CA LEU A 120 9.51 -8.90 -5.73
C LEU A 120 9.70 -7.70 -6.64
N LEU A 121 10.02 -7.95 -7.91
CA LEU A 121 10.17 -6.91 -8.90
C LEU A 121 8.90 -6.82 -9.73
N LEU A 122 7.96 -5.99 -9.28
CA LEU A 122 6.66 -5.87 -9.91
C LEU A 122 6.45 -4.49 -10.52
N CYS A 123 7.55 -3.85 -10.92
CA CYS A 123 7.49 -2.59 -11.65
C CYS A 123 7.01 -2.84 -13.07
N THR A 124 6.11 -1.97 -13.57
CA THR A 124 5.63 -2.02 -14.94
C THR A 124 6.58 -1.32 -15.92
N GLU A 125 7.26 -0.29 -15.41
CA GLU A 125 8.07 0.60 -16.22
C GLU A 125 9.05 -0.16 -17.11
N THR A 126 9.21 0.36 -18.33
CA THR A 126 10.15 -0.12 -19.32
C THR A 126 11.56 -0.49 -18.83
N HIS A 127 12.12 0.35 -17.96
CA HIS A 127 13.50 0.23 -17.51
C HIS A 127 13.78 -1.13 -16.87
N GLN A 128 15.06 -1.54 -16.88
CA GLN A 128 15.49 -2.72 -16.16
C GLN A 128 16.67 -2.37 -15.25
N PRO A 129 16.85 -3.11 -14.13
CA PRO A 129 17.81 -2.75 -13.10
C PRO A 129 19.25 -2.67 -13.58
N SER A 130 19.94 -1.58 -13.20
CA SER A 130 21.37 -1.46 -13.43
C SER A 130 22.11 -2.74 -13.07
N ARG A 131 22.79 -3.33 -14.07
CA ARG A 131 23.50 -4.59 -13.87
C ARG A 131 24.72 -4.39 -12.98
N GLU A 132 25.31 -3.19 -13.04
CA GLU A 132 26.36 -2.79 -12.11
C GLU A 132 25.94 -3.13 -10.68
N ILE A 133 24.80 -2.59 -10.26
CA ILE A 133 24.25 -2.84 -8.95
C ILE A 133 24.01 -4.35 -8.76
N MET A 134 23.24 -4.94 -9.70
CA MET A 134 22.86 -6.33 -9.60
C MET A 134 24.04 -7.25 -9.30
N GLN A 135 25.10 -7.13 -10.11
CA GLN A 135 26.23 -8.05 -10.03
C GLN A 135 27.25 -7.63 -8.97
N ARG A 136 27.03 -6.48 -8.33
CA ARG A 136 27.81 -6.06 -7.18
C ARG A 136 27.44 -6.83 -5.92
N TYR A 137 26.14 -7.02 -5.70
CA TYR A 137 25.64 -7.63 -4.49
C TYR A 137 25.41 -9.12 -4.71
N PRO A 138 25.41 -9.96 -3.65
CA PRO A 138 25.02 -11.35 -3.79
C PRO A 138 23.65 -11.51 -4.44
N THR A 139 23.53 -12.45 -5.38
CA THR A 139 22.24 -12.78 -5.97
C THR A 139 21.27 -13.18 -4.86
N VAL A 140 20.02 -12.72 -5.00
CA VAL A 140 18.95 -13.13 -4.09
C VAL A 140 17.82 -13.72 -4.91
N PRO A 141 17.03 -14.65 -4.33
CA PRO A 141 15.80 -15.10 -4.97
C PRO A 141 14.93 -13.93 -5.43
N THR A 142 14.42 -14.02 -6.66
CA THR A 142 13.68 -12.94 -7.27
C THR A 142 12.49 -13.48 -8.06
N VAL A 143 11.36 -12.78 -7.95
CA VAL A 143 10.20 -13.03 -8.78
C VAL A 143 9.91 -11.73 -9.54
N MET A 144 9.57 -11.86 -10.82
CA MET A 144 9.08 -10.73 -11.58
C MET A 144 8.00 -11.14 -12.57
N MET A 145 7.28 -10.14 -13.06
CA MET A 145 6.29 -10.30 -14.12
C MET A 145 7.04 -10.29 -15.45
N ASP A 146 6.33 -10.56 -16.54
CA ASP A 146 6.84 -10.25 -17.88
C ASP A 146 6.74 -8.76 -18.19
N TRP A 147 6.14 -7.96 -17.28
CA TRP A 147 6.06 -6.51 -17.39
C TRP A 147 7.45 -5.89 -17.55
N ALA A 148 8.24 -5.88 -16.46
CA ALA A 148 9.58 -5.34 -16.50
C ALA A 148 10.51 -6.42 -17.05
N PRO A 149 11.13 -6.25 -18.24
CA PRO A 149 12.19 -7.16 -18.69
C PRO A 149 13.45 -7.07 -17.84
N PHE A 150 14.35 -8.04 -18.01
CA PHE A 150 15.57 -8.11 -17.20
C PHE A 150 16.50 -9.25 -17.63
N ASP A 151 17.81 -9.01 -17.48
CA ASP A 151 18.84 -9.85 -18.06
C ASP A 151 19.37 -10.88 -17.07
N GLY A 152 19.16 -10.63 -15.77
CA GLY A 152 19.65 -11.52 -14.74
C GLY A 152 18.75 -12.73 -14.53
N ASP A 153 18.96 -13.43 -13.41
CA ASP A 153 18.18 -14.61 -13.06
C ASP A 153 16.99 -14.25 -12.17
N SER A 154 15.81 -14.78 -12.55
CA SER A 154 14.61 -14.60 -11.76
C SER A 154 13.54 -15.63 -12.12
N ASP A 155 12.69 -15.98 -11.14
CA ASP A 155 11.47 -16.72 -11.42
C ASP A 155 10.45 -15.76 -12.02
N LEU A 156 9.58 -16.29 -12.88
CA LEU A 156 8.74 -15.47 -13.74
C LEU A 156 7.26 -15.80 -13.62
N ILE A 157 6.42 -14.77 -13.64
CA ILE A 157 4.97 -14.92 -13.72
C ILE A 157 4.47 -14.10 -14.90
N GLN A 158 3.88 -14.77 -15.89
CA GLN A 158 3.31 -14.11 -17.06
C GLN A 158 1.82 -13.83 -16.88
N ASP A 159 1.42 -12.59 -17.16
CA ASP A 159 0.04 -12.16 -16.96
C ASP A 159 -0.86 -12.54 -18.14
N ASN A 160 -0.25 -12.84 -19.30
CA ASN A 160 -1.01 -13.10 -20.52
C ASN A 160 -1.95 -11.96 -20.89
N SER A 161 -1.42 -10.74 -20.82
CA SER A 161 -2.16 -9.55 -21.21
C SER A 161 -2.64 -9.60 -22.66
N LEU A 162 -1.86 -10.25 -23.52
CA LEU A 162 -2.21 -10.33 -24.93
C LEU A 162 -3.49 -11.11 -25.14
N LEU A 163 -3.59 -12.28 -24.49
CA LEU A 163 -4.77 -13.12 -24.59
C LEU A 163 -5.96 -12.43 -23.91
N GLY A 164 -5.68 -11.71 -22.83
CA GLY A 164 -6.70 -10.93 -22.14
C GLY A 164 -7.33 -9.86 -23.02
N GLY A 165 -6.48 -9.04 -23.66
CA GLY A 165 -6.94 -8.02 -24.59
C GLY A 165 -7.76 -8.60 -25.74
N ASP A 166 -7.27 -9.72 -26.28
CA ASP A 166 -7.98 -10.46 -27.30
C ASP A 166 -9.36 -10.89 -26.81
N LEU A 167 -9.39 -11.52 -25.63
CA LEU A 167 -10.64 -12.02 -25.07
C LEU A 167 -11.65 -10.89 -24.84
N ALA A 168 -11.17 -9.75 -24.33
CA ALA A 168 -12.04 -8.63 -24.04
C ALA A 168 -12.69 -8.12 -25.33
N THR A 169 -11.87 -7.97 -26.38
CA THR A 169 -12.34 -7.46 -27.65
C THR A 169 -13.28 -8.47 -28.31
N GLN A 170 -12.86 -9.74 -28.30
CA GLN A 170 -13.64 -10.82 -28.87
C GLN A 170 -15.04 -10.86 -28.27
N TYR A 171 -15.13 -10.56 -26.97
CA TYR A 171 -16.41 -10.51 -26.27
C TYR A 171 -17.33 -9.45 -26.86
N LEU A 172 -16.78 -8.26 -27.10
CA LEU A 172 -17.52 -7.15 -27.69
C LEU A 172 -17.95 -7.49 -29.12
N ILE A 173 -17.04 -8.14 -29.85
CA ILE A 173 -17.33 -8.60 -31.20
C ILE A 173 -18.50 -9.59 -31.17
N ASP A 174 -18.48 -10.51 -30.18
CA ASP A 174 -19.51 -11.52 -30.05
C ASP A 174 -20.86 -10.96 -29.62
N LYS A 175 -20.84 -9.76 -29.02
CA LYS A 175 -22.06 -9.05 -28.68
C LYS A 175 -22.62 -8.30 -29.89
N GLY A 176 -21.84 -8.25 -30.96
CA GLY A 176 -22.28 -7.69 -32.22
C GLY A 176 -21.77 -6.28 -32.51
N HIS A 177 -20.96 -5.73 -31.61
CA HIS A 177 -20.35 -4.43 -31.82
C HIS A 177 -19.30 -4.53 -32.94
N THR A 178 -19.24 -3.52 -33.78
CA THR A 178 -18.28 -3.45 -34.88
C THR A 178 -17.40 -2.21 -34.82
N ARG A 179 -17.93 -1.11 -34.27
CA ARG A 179 -17.13 0.06 -33.98
C ARG A 179 -16.63 -0.01 -32.54
N ILE A 180 -15.42 -0.54 -32.37
CA ILE A 180 -14.84 -0.82 -31.08
C ILE A 180 -13.51 -0.08 -30.94
N ALA A 181 -13.44 0.82 -29.96
CA ALA A 181 -12.24 1.60 -29.70
C ALA A 181 -11.42 0.98 -28.55
N CYS A 182 -10.17 1.41 -28.45
CA CYS A 182 -9.26 0.89 -27.44
C CYS A 182 -8.56 2.05 -26.72
N ILE A 183 -8.89 2.23 -25.44
CA ILE A 183 -8.10 3.08 -24.57
C ILE A 183 -7.02 2.21 -23.94
N THR A 184 -5.76 2.62 -24.13
CA THR A 184 -4.60 1.85 -23.71
C THR A 184 -3.84 2.60 -22.62
N GLY A 185 -2.96 1.89 -21.90
CA GLY A 185 -2.00 2.53 -21.03
C GLY A 185 -0.86 3.11 -21.83
N PRO A 186 0.16 3.72 -21.18
CA PRO A 186 1.35 4.17 -21.88
C PRO A 186 2.04 3.03 -22.62
N LEU A 187 2.28 3.20 -23.92
CA LEU A 187 2.71 2.11 -24.77
C LEU A 187 4.14 1.65 -24.48
N ASP A 188 4.89 2.43 -23.69
CA ASP A 188 6.18 1.99 -23.20
C ASP A 188 6.09 1.02 -22.02
N LYS A 189 4.87 0.75 -21.55
CA LYS A 189 4.63 -0.30 -20.55
C LYS A 189 4.09 -1.56 -21.21
N THR A 190 4.74 -2.70 -20.96
CA THR A 190 4.47 -3.93 -21.69
C THR A 190 3.01 -4.38 -21.63
N PRO A 191 2.36 -4.40 -20.44
CA PRO A 191 0.97 -4.82 -20.34
C PRO A 191 0.03 -3.98 -21.20
N ALA A 192 0.30 -2.68 -21.27
CA ALA A 192 -0.46 -1.77 -22.10
C ALA A 192 -0.29 -2.13 -23.58
N ARG A 193 0.96 -2.36 -23.99
CA ARG A 193 1.26 -2.72 -25.37
C ARG A 193 0.58 -4.03 -25.76
N LEU A 194 0.72 -5.04 -24.90
CA LEU A 194 0.21 -6.36 -25.18
C LEU A 194 -1.31 -6.37 -25.31
N ARG A 195 -1.99 -5.63 -24.42
CA ARG A 195 -3.43 -5.50 -24.49
C ARG A 195 -3.90 -4.86 -25.79
N LEU A 196 -3.14 -3.88 -26.26
CA LEU A 196 -3.42 -3.26 -27.55
C LEU A 196 -3.30 -4.29 -28.69
N GLU A 197 -2.25 -5.11 -28.63
CA GLU A 197 -2.02 -6.11 -29.66
C GLU A 197 -3.10 -7.19 -29.63
N GLY A 198 -3.58 -7.53 -28.44
CA GLY A 198 -4.70 -8.45 -28.30
C GLY A 198 -5.93 -7.90 -29.02
N TYR A 199 -6.26 -6.64 -28.74
CA TYR A 199 -7.33 -5.91 -29.40
C TYR A 199 -7.17 -5.96 -30.91
N ARG A 200 -5.98 -5.62 -31.40
CA ARG A 200 -5.70 -5.64 -32.82
C ARG A 200 -5.95 -7.02 -33.43
N ALA A 201 -5.43 -8.06 -32.76
CA ALA A 201 -5.53 -9.43 -33.25
C ALA A 201 -6.98 -9.87 -33.43
N ALA A 202 -7.81 -9.58 -32.41
CA ALA A 202 -9.21 -9.97 -32.45
C ALA A 202 -9.96 -9.22 -33.54
N MET A 203 -9.62 -7.93 -33.72
CA MET A 203 -10.24 -7.10 -34.73
C MET A 203 -9.86 -7.62 -36.12
N LYS A 204 -8.56 -7.87 -36.31
CA LYS A 204 -8.04 -8.38 -37.57
C LYS A 204 -8.70 -9.72 -37.90
N ARG A 205 -8.79 -10.60 -36.90
CA ARG A 205 -9.33 -11.92 -37.07
C ARG A 205 -10.79 -11.88 -37.53
N ALA A 206 -11.52 -10.86 -37.09
CA ALA A 206 -12.91 -10.65 -37.49
C ALA A 206 -13.05 -9.72 -38.68
N GLY A 207 -11.91 -9.23 -39.21
CA GLY A 207 -11.90 -8.37 -40.38
C GLY A 207 -12.56 -7.00 -40.16
N LEU A 208 -12.54 -6.51 -38.91
CA LEU A 208 -13.10 -5.21 -38.60
C LEU A 208 -11.98 -4.17 -38.62
N ASN A 209 -12.27 -3.03 -39.26
CA ASN A 209 -11.27 -1.98 -39.44
C ASN A 209 -11.11 -1.18 -38.16
N ILE A 210 -9.90 -0.67 -37.93
CA ILE A 210 -9.64 0.23 -36.81
C ILE A 210 -9.39 1.62 -37.38
N PRO A 211 -10.40 2.52 -37.32
CA PRO A 211 -10.22 3.91 -37.69
C PRO A 211 -9.01 4.55 -37.05
N ASP A 212 -8.49 5.62 -37.66
CA ASP A 212 -7.20 6.15 -37.29
C ASP A 212 -7.13 6.55 -35.81
N GLY A 213 -8.17 7.21 -35.31
CA GLY A 213 -8.16 7.70 -33.94
C GLY A 213 -8.79 6.78 -32.88
N TYR A 214 -9.02 5.51 -33.22
CA TYR A 214 -9.69 4.59 -32.31
C TYR A 214 -8.80 3.96 -31.24
N GLU A 215 -7.48 4.15 -31.37
CA GLU A 215 -6.53 3.72 -30.36
C GLU A 215 -5.98 4.95 -29.66
N VAL A 216 -6.31 5.11 -28.37
CA VAL A 216 -5.92 6.29 -27.63
C VAL A 216 -5.17 5.92 -26.36
N THR A 217 -4.13 6.70 -26.03
CA THR A 217 -3.29 6.44 -24.89
C THR A 217 -3.75 7.24 -23.67
N GLY A 218 -3.84 6.54 -22.54
CA GLY A 218 -4.02 7.13 -21.22
C GLY A 218 -2.94 6.60 -20.27
N ASP A 219 -3.03 6.97 -19.00
CA ASP A 219 -1.94 6.79 -18.07
C ASP A 219 -2.14 5.64 -17.07
N PHE A 220 -3.12 4.77 -17.34
CA PHE A 220 -3.55 3.73 -16.42
C PHE A 220 -4.13 4.25 -15.10
N GLU A 221 -4.68 5.47 -15.14
CA GLU A 221 -5.30 6.09 -13.97
C GLU A 221 -6.67 6.64 -14.37
N PHE A 222 -7.45 7.06 -13.37
CA PHE A 222 -8.75 7.67 -13.59
C PHE A 222 -8.68 8.76 -14.66
N ASN A 223 -7.75 9.70 -14.47
CA ASN A 223 -7.72 10.90 -15.30
C ASN A 223 -7.40 10.55 -16.74
N GLY A 224 -6.50 9.58 -16.93
CA GLY A 224 -6.12 9.12 -18.26
C GLY A 224 -7.31 8.59 -19.04
N GLY A 225 -8.13 7.78 -18.38
CA GLY A 225 -9.37 7.28 -18.97
C GLY A 225 -10.36 8.39 -19.30
N PHE A 226 -10.43 9.39 -18.43
CA PHE A 226 -11.30 10.54 -18.65
C PHE A 226 -10.88 11.28 -19.91
N ASP A 227 -9.61 11.70 -19.96
CA ASP A 227 -9.07 12.42 -21.09
C ASP A 227 -9.23 11.65 -22.38
N ALA A 228 -8.93 10.34 -22.34
CA ALA A 228 -8.96 9.52 -23.54
C ALA A 228 -10.37 9.38 -24.11
N MET A 229 -11.38 9.29 -23.22
CA MET A 229 -12.75 9.09 -23.66
C MET A 229 -13.28 10.37 -24.29
N ARG A 230 -12.96 11.52 -23.67
CA ARG A 230 -13.32 12.81 -24.22
C ARG A 230 -12.82 12.95 -25.65
N GLN A 231 -11.56 12.55 -25.85
CA GLN A 231 -10.95 12.54 -27.18
C GLN A 231 -11.76 11.65 -28.14
N LEU A 232 -12.12 10.44 -27.69
CA LEU A 232 -12.88 9.53 -28.51
C LEU A 232 -14.25 10.07 -28.90
N LEU A 233 -14.87 10.83 -28.00
CA LEU A 233 -16.16 11.45 -28.28
C LEU A 233 -16.06 12.51 -29.37
N SER A 234 -14.85 13.02 -29.60
CA SER A 234 -14.56 13.91 -30.72
C SER A 234 -14.46 13.21 -32.08
N HIS A 235 -14.36 11.88 -32.07
CA HIS A 235 -14.06 11.16 -33.31
C HIS A 235 -15.25 11.26 -34.26
N PRO A 236 -15.02 11.44 -35.59
CA PRO A 236 -16.11 11.45 -36.55
C PRO A 236 -17.05 10.26 -36.42
N LEU A 237 -16.44 9.07 -36.32
CA LEU A 237 -17.16 7.83 -36.14
C LEU A 237 -17.24 7.51 -34.66
N ARG A 238 -18.45 7.61 -34.10
CA ARG A 238 -18.68 7.35 -32.69
C ARG A 238 -18.55 5.86 -32.43
N PRO A 239 -17.69 5.41 -31.49
CA PRO A 239 -17.66 4.01 -31.09
C PRO A 239 -18.97 3.54 -30.45
N GLN A 240 -19.30 2.27 -30.67
CA GLN A 240 -20.40 1.62 -29.98
C GLN A 240 -19.90 1.04 -28.66
N ALA A 241 -18.60 0.75 -28.59
CA ALA A 241 -18.01 0.09 -27.44
C ALA A 241 -16.53 0.46 -27.30
N VAL A 242 -16.03 0.40 -26.06
CA VAL A 242 -14.63 0.67 -25.79
C VAL A 242 -14.05 -0.34 -24.81
N PHE A 243 -12.90 -0.90 -25.17
CA PHE A 243 -12.07 -1.68 -24.26
C PHE A 243 -11.04 -0.74 -23.67
N THR A 244 -11.09 -0.57 -22.33
CA THR A 244 -10.15 0.27 -21.63
C THR A 244 -9.02 -0.60 -21.08
N GLY A 245 -7.81 -0.07 -21.07
CA GLY A 245 -6.62 -0.82 -20.68
C GLY A 245 -6.64 -1.36 -19.26
N ASN A 246 -7.35 -0.66 -18.36
CA ASN A 246 -7.60 -1.19 -17.04
C ASN A 246 -8.84 -0.56 -16.41
N ASP A 247 -9.22 -1.09 -15.24
CA ASP A 247 -10.40 -0.63 -14.53
C ASP A 247 -10.28 0.84 -14.10
N ALA A 248 -9.07 1.25 -13.70
CA ALA A 248 -8.88 2.64 -13.30
C ALA A 248 -9.33 3.57 -14.42
N MET A 249 -8.90 3.30 -15.64
CA MET A 249 -9.26 4.13 -16.78
C MET A 249 -10.76 4.07 -17.05
N ALA A 250 -11.38 2.92 -16.80
CA ALA A 250 -12.82 2.78 -16.93
C ALA A 250 -13.60 3.71 -16.00
N VAL A 251 -13.04 3.98 -14.83
CA VAL A 251 -13.64 4.92 -13.90
C VAL A 251 -13.70 6.31 -14.55
N GLY A 252 -12.59 6.71 -15.16
CA GLY A 252 -12.54 7.95 -15.92
C GLY A 252 -13.48 7.98 -17.11
N VAL A 253 -13.61 6.84 -17.79
CA VAL A 253 -14.54 6.71 -18.90
C VAL A 253 -15.97 6.96 -18.42
N TYR A 254 -16.36 6.30 -17.32
CA TYR A 254 -17.67 6.53 -16.75
C TYR A 254 -17.95 8.02 -16.52
N GLN A 255 -16.94 8.73 -15.97
CA GLN A 255 -17.09 10.14 -15.65
C GLN A 255 -17.24 11.01 -16.90
N ALA A 256 -16.49 10.68 -17.95
CA ALA A 256 -16.57 11.38 -19.22
C ALA A 256 -17.96 11.24 -19.83
N LEU A 257 -18.47 10.01 -19.83
CA LEU A 257 -19.77 9.71 -20.39
C LEU A 257 -20.89 10.37 -19.60
N TYR A 258 -20.76 10.40 -18.27
CA TYR A 258 -21.69 11.09 -17.41
C TYR A 258 -21.79 12.57 -17.79
N GLN A 259 -20.63 13.20 -17.98
CA GLN A 259 -20.57 14.60 -18.38
C GLN A 259 -21.14 14.85 -19.79
N ALA A 260 -20.97 13.87 -20.68
CA ALA A 260 -21.56 13.94 -22.01
C ALA A 260 -23.02 13.49 -22.04
N GLU A 261 -23.61 13.22 -20.87
CA GLU A 261 -24.96 12.69 -20.76
C GLU A 261 -25.17 11.46 -21.62
N LEU A 262 -24.20 10.55 -21.59
CA LEU A 262 -24.30 9.27 -22.30
C LEU A 262 -24.40 8.14 -21.28
N GLN A 263 -25.16 7.11 -21.64
CA GLN A 263 -25.40 5.98 -20.75
C GLN A 263 -24.58 4.75 -21.11
N VAL A 264 -24.23 3.97 -20.08
CA VAL A 264 -23.60 2.67 -20.25
C VAL A 264 -24.57 1.61 -19.75
N PRO A 265 -24.88 0.55 -20.53
CA PRO A 265 -24.32 0.31 -21.86
C PRO A 265 -25.15 0.84 -23.04
N GLN A 266 -26.23 1.58 -22.75
CA GLN A 266 -27.23 1.89 -23.75
C GLN A 266 -26.64 2.68 -24.92
N ASP A 267 -25.82 3.69 -24.60
CA ASP A 267 -25.15 4.48 -25.63
C ASP A 267 -23.78 3.90 -25.97
N ILE A 268 -22.96 3.60 -24.94
CA ILE A 268 -21.68 2.97 -25.16
C ILE A 268 -21.47 1.81 -24.18
N ALA A 269 -21.01 0.67 -24.72
CA ALA A 269 -20.63 -0.48 -23.92
C ALA A 269 -19.16 -0.36 -23.53
N VAL A 270 -18.84 -0.79 -22.30
CA VAL A 270 -17.50 -0.63 -21.76
C VAL A 270 -17.03 -1.94 -21.13
N ILE A 271 -15.76 -2.28 -21.40
CA ILE A 271 -15.11 -3.39 -20.72
C ILE A 271 -13.71 -2.99 -20.27
N GLY A 272 -13.39 -3.31 -19.00
CA GLY A 272 -12.13 -2.93 -18.38
C GLY A 272 -11.16 -4.09 -18.27
N TYR A 273 -10.20 -3.98 -17.34
CA TYR A 273 -9.18 -5.00 -17.10
C TYR A 273 -8.70 -4.88 -15.66
N ASP A 274 -8.70 -6.01 -14.95
CA ASP A 274 -8.17 -6.19 -13.60
C ASP A 274 -9.24 -6.80 -12.69
N ASP A 275 -10.49 -6.34 -12.82
CA ASP A 275 -11.55 -6.66 -11.88
C ASP A 275 -11.18 -6.30 -10.44
N ILE A 276 -10.72 -5.07 -10.25
CA ILE A 276 -10.54 -4.52 -8.92
C ILE A 276 -11.86 -4.56 -8.16
N GLU A 277 -11.78 -4.56 -6.83
CA GLU A 277 -12.94 -4.61 -5.97
C GLU A 277 -14.03 -3.64 -6.43
N LEU A 278 -13.61 -2.41 -6.75
CA LEU A 278 -14.53 -1.35 -7.14
C LEU A 278 -15.41 -1.68 -8.35
N ALA A 279 -14.87 -2.47 -9.28
CA ALA A 279 -15.60 -2.83 -10.49
C ALA A 279 -17.04 -3.25 -10.19
N SER A 280 -17.21 -4.06 -9.15
CA SER A 280 -18.51 -4.60 -8.79
C SER A 280 -19.49 -3.55 -8.28
N PHE A 281 -18.94 -2.45 -7.75
CA PHE A 281 -19.73 -1.40 -7.15
C PHE A 281 -20.02 -0.24 -8.08
N MET A 282 -19.48 -0.30 -9.31
CA MET A 282 -19.73 0.76 -10.29
C MET A 282 -21.19 0.69 -10.76
N THR A 283 -21.65 1.79 -11.37
CA THR A 283 -23.03 1.93 -11.82
C THR A 283 -23.09 2.26 -13.31
N PRO A 284 -23.34 1.29 -14.22
CA PRO A 284 -23.53 -0.10 -13.87
C PRO A 284 -22.24 -0.83 -13.49
N PRO A 285 -22.32 -2.01 -12.83
CA PRO A 285 -21.15 -2.81 -12.54
C PRO A 285 -20.35 -3.14 -13.79
N LEU A 286 -19.03 -3.04 -13.68
CA LEU A 286 -18.14 -3.09 -14.83
C LEU A 286 -17.86 -4.53 -15.27
N THR A 287 -18.18 -4.83 -16.52
CA THR A 287 -17.67 -6.02 -17.18
C THR A 287 -16.17 -5.81 -17.36
N THR A 288 -15.38 -6.83 -17.04
CA THR A 288 -13.93 -6.68 -17.03
C THR A 288 -13.22 -8.02 -17.12
N ILE A 289 -11.92 -7.97 -17.41
CA ILE A 289 -11.06 -9.14 -17.37
C ILE A 289 -10.52 -9.29 -15.95
N HIS A 290 -10.90 -10.37 -15.27
CA HIS A 290 -10.32 -10.65 -13.97
C HIS A 290 -8.89 -11.11 -14.16
N GLN A 291 -8.02 -10.54 -13.32
CA GLN A 291 -6.65 -10.98 -13.14
C GLN A 291 -6.45 -11.11 -11.63
N PRO A 292 -5.65 -12.10 -11.15
CA PRO A 292 -5.29 -12.15 -9.74
C PRO A 292 -4.58 -10.89 -9.27
N LYS A 293 -4.89 -10.45 -8.04
CA LYS A 293 -4.27 -9.28 -7.46
C LYS A 293 -3.76 -9.68 -6.08
N ASP A 294 -4.66 -9.75 -5.11
CA ASP A 294 -4.33 -10.24 -3.78
C ASP A 294 -3.74 -11.65 -3.92
N GLU A 295 -4.43 -12.48 -4.70
CA GLU A 295 -4.03 -13.85 -4.98
C GLU A 295 -2.66 -13.88 -5.66
N LEU A 296 -2.39 -12.90 -6.53
CA LEU A 296 -1.10 -12.79 -7.20
C LEU A 296 0.02 -12.50 -6.20
N GLY A 297 -0.22 -11.57 -5.27
CA GLY A 297 0.70 -11.30 -4.19
C GLY A 297 1.07 -12.57 -3.42
N GLU A 298 0.05 -13.36 -3.07
CA GLU A 298 0.26 -14.58 -2.33
C GLU A 298 1.07 -15.59 -3.14
N LEU A 299 0.77 -15.67 -4.44
CA LEU A 299 1.46 -16.60 -5.31
C LEU A 299 2.94 -16.25 -5.47
N ALA A 300 3.22 -14.95 -5.66
CA ALA A 300 4.58 -14.50 -5.85
C ALA A 300 5.44 -14.82 -4.62
N ILE A 301 4.89 -14.61 -3.43
CA ILE A 301 5.56 -14.96 -2.20
C ILE A 301 5.78 -16.47 -2.09
N ASP A 302 4.77 -17.27 -2.44
CA ASP A 302 4.90 -18.72 -2.40
C ASP A 302 6.07 -19.18 -3.26
N VAL A 303 6.16 -18.62 -4.47
CA VAL A 303 7.26 -18.91 -5.38
C VAL A 303 8.60 -18.54 -4.76
N LEU A 304 8.65 -17.33 -4.19
CA LEU A 304 9.88 -16.79 -3.63
C LEU A 304 10.38 -17.64 -2.47
N ILE A 305 9.45 -18.11 -1.63
CA ILE A 305 9.78 -18.93 -0.47
C ILE A 305 10.22 -20.33 -0.87
N HIS A 306 9.59 -20.89 -1.91
CA HIS A 306 9.97 -22.19 -2.42
C HIS A 306 11.46 -22.18 -2.79
N ARG A 307 11.90 -21.06 -3.39
CA ARG A 307 13.29 -20.92 -3.81
C ARG A 307 14.24 -20.71 -2.63
N ILE A 308 13.82 -19.89 -1.66
CA ILE A 308 14.60 -19.70 -0.45
C ILE A 308 14.82 -21.05 0.22
N THR A 309 13.77 -21.88 0.24
CA THR A 309 13.81 -23.21 0.83
C THR A 309 14.67 -24.20 0.05
N GLN A 310 14.55 -24.19 -1.28
CA GLN A 310 15.31 -25.06 -2.15
C GLN A 310 16.11 -24.21 -3.13
N PRO A 311 17.27 -23.65 -2.71
CA PRO A 311 18.00 -22.66 -3.50
C PRO A 311 18.40 -23.12 -4.91
N THR A 312 18.48 -24.44 -5.11
CA THR A 312 18.98 -24.98 -6.36
C THR A 312 17.91 -25.49 -7.33
N LEU A 313 16.66 -25.06 -7.12
CA LEU A 313 15.57 -25.29 -8.08
C LEU A 313 15.90 -24.65 -9.43
N GLN A 314 15.40 -25.24 -10.51
CA GLN A 314 15.37 -24.59 -11.82
C GLN A 314 14.35 -23.45 -11.86
N GLN A 315 14.54 -22.53 -12.80
CA GLN A 315 13.68 -21.36 -12.89
C GLN A 315 12.20 -21.75 -12.80
N GLN A 316 11.47 -21.12 -11.88
CA GLN A 316 10.03 -21.29 -11.80
C GLN A 316 9.35 -20.33 -12.77
N ARG A 317 8.35 -20.85 -13.51
CA ARG A 317 7.63 -20.09 -14.52
C ARG A 317 6.14 -20.41 -14.42
N LEU A 318 5.33 -19.39 -14.13
CA LEU A 318 3.89 -19.53 -14.05
C LEU A 318 3.21 -18.56 -15.02
N GLN A 319 1.99 -18.91 -15.45
CA GLN A 319 1.17 -18.02 -16.24
C GLN A 319 -0.23 -17.86 -15.64
N LEU A 320 -0.78 -16.65 -15.69
CA LEU A 320 -2.14 -16.41 -15.25
C LEU A 320 -3.08 -16.64 -16.43
N THR A 321 -4.31 -17.01 -16.13
CA THR A 321 -5.37 -17.14 -17.12
C THR A 321 -6.36 -15.99 -16.99
N PRO A 322 -6.36 -15.01 -17.91
CA PRO A 322 -7.40 -13.99 -17.91
C PRO A 322 -8.80 -14.56 -18.04
N ILE A 323 -9.74 -14.07 -17.21
CA ILE A 323 -11.10 -14.55 -17.24
C ILE A 323 -12.03 -13.36 -17.27
N LEU A 324 -13.11 -13.51 -18.05
CA LEU A 324 -14.05 -12.43 -18.25
C LEU A 324 -15.12 -12.48 -17.17
N MET A 325 -15.34 -11.33 -16.53
CA MET A 325 -16.39 -11.16 -15.54
C MET A 325 -17.51 -10.37 -16.22
N GLU A 326 -18.60 -11.06 -16.59
CA GLU A 326 -19.74 -10.41 -17.23
C GLU A 326 -20.61 -9.69 -16.21
N ARG A 327 -20.77 -8.37 -16.41
CA ARG A 327 -21.66 -7.58 -15.59
C ARG A 327 -22.50 -6.70 -16.52
N GLY A 328 -22.86 -5.49 -16.07
CA GLY A 328 -23.83 -4.67 -16.77
C GLY A 328 -23.30 -3.64 -17.75
N SER A 329 -21.97 -3.46 -17.79
CA SER A 329 -21.37 -2.44 -18.65
C SER A 329 -21.23 -2.89 -20.10
N ALA A 330 -21.20 -4.22 -20.31
CA ALA A 330 -21.14 -4.80 -21.63
C ALA A 330 -21.42 -6.31 -21.57
N SER B 1 31.68 -11.65 -1.19
CA SER B 1 31.82 -10.25 -1.56
C SER B 1 32.82 -9.53 -0.66
N ALA B 2 33.35 -8.41 -1.15
CA ALA B 2 34.41 -7.67 -0.50
C ALA B 2 33.86 -6.81 0.64
N THR B 3 34.57 -6.82 1.78
CA THR B 3 34.29 -5.93 2.88
C THR B 3 35.28 -4.77 2.90
N MET B 4 35.00 -3.78 3.76
CA MET B 4 35.90 -2.66 3.97
C MET B 4 37.28 -3.14 4.41
N LYS B 5 37.32 -4.34 5.00
CA LYS B 5 38.57 -4.97 5.40
C LYS B 5 39.38 -5.37 4.17
N ASP B 6 38.71 -6.00 3.20
CA ASP B 6 39.35 -6.38 1.95
C ASP B 6 39.87 -5.16 1.21
N VAL B 7 39.06 -4.09 1.18
CA VAL B 7 39.48 -2.81 0.62
C VAL B 7 40.74 -2.29 1.29
N ALA B 8 40.71 -2.26 2.62
CA ALA B 8 41.80 -1.72 3.42
C ALA B 8 43.10 -2.48 3.17
N ARG B 9 43.01 -3.81 3.02
CA ARG B 9 44.16 -4.64 2.80
C ARG B 9 44.81 -4.32 1.46
N LEU B 10 43.98 -4.18 0.43
CA LEU B 10 44.45 -3.90 -0.92
C LEU B 10 45.03 -2.50 -1.02
N ALA B 11 44.39 -1.51 -0.38
CA ALA B 11 44.89 -0.15 -0.37
C ALA B 11 45.96 0.05 0.69
N GLY B 12 46.19 -0.97 1.54
CA GLY B 12 47.24 -0.92 2.54
C GLY B 12 46.99 0.17 3.58
N VAL B 13 45.76 0.22 4.11
CA VAL B 13 45.37 1.23 5.07
C VAL B 13 44.50 0.61 6.17
N SER B 14 44.19 1.43 7.19
CA SER B 14 43.28 1.03 8.25
C SER B 14 41.83 1.05 7.76
N THR B 15 40.99 0.22 8.37
CA THR B 15 39.56 0.26 8.10
C THR B 15 38.95 1.59 8.55
N SER B 16 39.57 2.21 9.57
CA SER B 16 39.16 3.54 9.99
C SER B 16 39.24 4.54 8.83
N THR B 17 40.33 4.47 8.08
CA THR B 17 40.56 5.34 6.94
C THR B 17 39.54 5.03 5.84
N VAL B 18 39.35 3.73 5.54
CA VAL B 18 38.37 3.33 4.57
C VAL B 18 36.99 3.89 4.94
N SER B 19 36.62 3.79 6.22
CA SER B 19 35.35 4.34 6.68
C SER B 19 35.30 5.84 6.38
N HIS B 20 36.40 6.54 6.68
CA HIS B 20 36.45 7.98 6.51
C HIS B 20 36.37 8.40 5.05
N VAL B 21 37.03 7.66 4.15
CA VAL B 21 36.90 7.90 2.73
C VAL B 21 35.44 7.81 2.34
N ILE B 22 34.81 6.68 2.67
CA ILE B 22 33.44 6.41 2.24
C ILE B 22 32.46 7.41 2.85
N ASN B 23 32.63 7.72 4.14
CA ASN B 23 31.65 8.51 4.85
C ASN B 23 31.93 10.01 4.79
N LYS B 24 33.17 10.40 4.44
CA LYS B 24 33.54 11.80 4.31
C LYS B 24 33.31 12.54 5.63
N ASP B 25 33.73 11.92 6.74
CA ASP B 25 33.43 12.42 8.07
C ASP B 25 34.66 12.94 8.82
N ARG B 26 35.85 12.63 8.29
CA ARG B 26 37.09 13.22 8.75
C ARG B 26 38.03 13.34 7.56
N PHE B 27 38.90 14.35 7.58
CA PHE B 27 39.88 14.55 6.53
C PHE B 27 40.70 13.28 6.26
N VAL B 28 40.81 12.94 4.98
CA VAL B 28 41.77 11.94 4.51
C VAL B 28 42.53 12.53 3.32
N SER B 29 43.85 12.29 3.26
CA SER B 29 44.66 12.84 2.19
C SER B 29 44.21 12.35 0.83
N GLU B 30 44.50 13.15 -0.20
CA GLU B 30 44.00 12.93 -1.54
C GLU B 30 44.54 11.61 -2.11
N ALA B 31 45.81 11.33 -1.84
CA ALA B 31 46.46 10.09 -2.25
C ALA B 31 45.75 8.87 -1.67
N ILE B 32 45.58 8.84 -0.34
CA ILE B 32 44.92 7.74 0.33
C ILE B 32 43.51 7.56 -0.26
N THR B 33 42.76 8.65 -0.33
CA THR B 33 41.41 8.61 -0.89
C THR B 33 41.40 7.89 -2.24
N ALA B 34 42.27 8.33 -3.15
CA ALA B 34 42.36 7.75 -4.49
C ALA B 34 42.65 6.25 -4.46
N LYS B 35 43.63 5.84 -3.64
CA LYS B 35 43.97 4.44 -3.51
C LYS B 35 42.77 3.63 -3.04
N VAL B 36 42.05 4.15 -2.04
CA VAL B 36 40.86 3.50 -1.50
C VAL B 36 39.77 3.38 -2.57
N GLU B 37 39.54 4.46 -3.31
CA GLU B 37 38.52 4.47 -4.35
C GLU B 37 38.87 3.42 -5.42
N ALA B 38 40.15 3.34 -5.78
CA ALA B 38 40.61 2.34 -6.73
C ALA B 38 40.30 0.94 -6.21
N ALA B 39 40.62 0.70 -4.93
CA ALA B 39 40.38 -0.58 -4.30
C ALA B 39 38.89 -0.94 -4.28
N ILE B 40 38.04 0.06 -4.07
CA ILE B 40 36.60 -0.13 -4.07
C ILE B 40 36.11 -0.58 -5.45
N LYS B 41 36.53 0.13 -6.49
CA LYS B 41 36.18 -0.23 -7.85
C LYS B 41 36.80 -1.55 -8.24
N GLU B 42 38.05 -1.78 -7.80
CA GLU B 42 38.77 -3.00 -8.14
C GLU B 42 38.03 -4.21 -7.57
N LEU B 43 37.83 -4.23 -6.24
CA LEU B 43 37.18 -5.34 -5.57
C LEU B 43 35.66 -5.34 -5.78
N ASN B 44 35.13 -4.24 -6.33
CA ASN B 44 33.70 -4.05 -6.48
C ASN B 44 33.04 -4.23 -5.12
N TYR B 45 33.39 -3.34 -4.19
CA TYR B 45 32.96 -3.39 -2.81
C TYR B 45 31.45 -3.20 -2.68
N ALA B 46 30.81 -4.10 -1.90
CA ALA B 46 29.37 -4.08 -1.69
C ALA B 46 29.04 -3.79 -0.23
N PRO B 47 28.79 -2.50 0.14
CA PRO B 47 28.56 -2.13 1.53
C PRO B 47 27.38 -2.87 2.17
N SER B 48 27.54 -3.25 3.44
CA SER B 48 26.48 -3.87 4.22
C SER B 48 25.87 -2.85 5.17
N ALA B 49 24.60 -2.49 4.91
CA ALA B 49 23.83 -1.63 5.81
C ALA B 49 23.58 -2.33 7.14
N LEU B 50 23.41 -3.66 7.07
CA LEU B 50 23.26 -4.48 8.27
C LEU B 50 24.37 -4.17 9.28
N ALA B 51 25.61 -4.35 8.83
CA ALA B 51 26.77 -4.23 9.69
C ALA B 51 26.91 -2.80 10.23
N ARG B 52 26.62 -1.83 9.36
CA ARG B 52 26.63 -0.42 9.72
C ARG B 52 25.63 -0.16 10.84
N SER B 53 24.40 -0.67 10.64
CA SER B 53 23.31 -0.50 11.60
C SER B 53 23.64 -1.04 12.99
N LEU B 54 24.29 -2.20 13.03
CA LEU B 54 24.65 -2.80 14.31
C LEU B 54 25.59 -1.87 15.08
N LYS B 55 26.61 -1.35 14.38
CA LYS B 55 27.60 -0.51 15.02
C LYS B 55 27.04 0.87 15.36
N LEU B 56 26.27 1.46 14.43
CA LEU B 56 25.68 2.76 14.64
C LEU B 56 24.45 2.78 15.56
N ASN B 57 23.81 1.62 15.71
CA ASN B 57 22.56 1.53 16.45
C ASN B 57 21.50 2.40 15.78
N GLN B 58 21.45 2.37 14.44
CA GLN B 58 20.38 2.99 13.69
C GLN B 58 20.29 2.33 12.31
N THR B 59 19.04 2.08 11.88
CA THR B 59 18.77 1.32 10.67
C THR B 59 18.27 2.13 9.49
N HIS B 60 17.97 3.42 9.71
CA HIS B 60 17.33 4.25 8.71
C HIS B 60 16.13 3.50 8.14
N THR B 61 15.33 2.93 9.05
CA THR B 61 14.13 2.21 8.69
C THR B 61 12.99 2.66 9.59
N ILE B 62 11.83 2.94 8.97
CA ILE B 62 10.62 3.26 9.68
C ILE B 62 9.66 2.08 9.56
N GLY B 63 9.02 1.73 10.68
CA GLY B 63 7.93 0.76 10.66
C GLY B 63 6.57 1.47 10.71
N MET B 64 5.62 0.97 9.90
CA MET B 64 4.31 1.57 9.84
C MET B 64 3.22 0.51 9.97
N LEU B 65 2.30 0.73 10.90
CA LEU B 65 1.19 -0.16 11.14
C LEU B 65 -0.09 0.55 10.70
N ILE B 66 -0.91 -0.15 9.91
CA ILE B 66 -2.21 0.34 9.49
C ILE B 66 -3.24 -0.77 9.65
N THR B 67 -4.53 -0.38 9.64
CA THR B 67 -5.62 -1.33 9.56
C THR B 67 -6.22 -1.14 8.17
N ALA B 68 -5.65 -1.87 7.21
CA ALA B 68 -5.91 -1.64 5.80
C ALA B 68 -6.91 -2.66 5.24
N SER B 69 -7.35 -2.42 4.00
CA SER B 69 -8.48 -3.11 3.42
C SER B 69 -8.57 -2.71 1.95
N THR B 70 -9.78 -2.63 1.39
CA THR B 70 -9.97 -2.06 0.06
C THR B 70 -10.07 -0.53 0.09
N ASN B 71 -10.16 0.05 1.29
CA ASN B 71 -10.37 1.48 1.45
C ASN B 71 -9.26 2.28 0.80
N PRO B 72 -9.54 3.03 -0.30
CA PRO B 72 -8.50 3.77 -1.02
C PRO B 72 -7.76 4.81 -0.19
N PHE B 73 -8.33 5.21 0.95
CA PHE B 73 -7.69 6.16 1.85
C PHE B 73 -6.27 5.74 2.18
N TYR B 74 -6.09 4.47 2.55
CA TYR B 74 -4.81 3.96 3.00
C TYR B 74 -3.78 3.86 1.89
N SER B 75 -4.24 3.66 0.65
CA SER B 75 -3.37 3.67 -0.49
C SER B 75 -2.67 5.02 -0.63
N GLU B 76 -3.44 6.11 -0.55
CA GLU B 76 -2.91 7.46 -0.70
C GLU B 76 -1.99 7.80 0.47
N LEU B 77 -2.37 7.37 1.68
CA LEU B 77 -1.57 7.59 2.87
C LEU B 77 -0.20 6.92 2.75
N VAL B 78 -0.19 5.63 2.41
CA VAL B 78 1.06 4.89 2.26
C VAL B 78 1.96 5.50 1.19
N ARG B 79 1.36 5.96 0.10
CA ARG B 79 2.10 6.60 -0.97
C ARG B 79 2.88 7.81 -0.45
N GLY B 80 2.22 8.62 0.36
CA GLY B 80 2.85 9.78 0.96
C GLY B 80 3.99 9.43 1.91
N VAL B 81 3.76 8.40 2.73
CA VAL B 81 4.77 7.94 3.68
C VAL B 81 6.00 7.43 2.95
N GLU B 82 5.79 6.55 1.97
CA GLU B 82 6.90 5.93 1.25
C GLU B 82 7.73 7.00 0.54
N ARG B 83 7.06 7.96 -0.10
CA ARG B 83 7.76 9.01 -0.82
C ARG B 83 8.59 9.84 0.16
N SER B 84 8.01 10.19 1.31
CA SER B 84 8.72 10.99 2.30
C SER B 84 9.93 10.25 2.84
N CYS B 85 9.76 8.95 3.12
CA CYS B 85 10.85 8.11 3.58
C CYS B 85 12.01 8.17 2.59
N PHE B 86 11.70 7.89 1.32
CA PHE B 86 12.70 7.89 0.27
C PHE B 86 13.49 9.19 0.22
N GLU B 87 12.77 10.30 0.25
CA GLU B 87 13.39 11.62 0.19
C GLU B 87 14.32 11.89 1.36
N ARG B 88 14.03 11.27 2.51
CA ARG B 88 14.81 11.49 3.73
C ARG B 88 15.86 10.41 4.00
N GLY B 89 15.97 9.43 3.10
CA GLY B 89 16.96 8.37 3.23
C GLY B 89 16.56 7.22 4.14
N TYR B 90 15.25 6.93 4.21
CA TYR B 90 14.73 5.87 5.05
C TYR B 90 13.98 4.82 4.22
N SER B 91 14.03 3.57 4.69
CA SER B 91 13.18 2.51 4.18
C SER B 91 11.90 2.44 4.99
N LEU B 92 10.84 1.92 4.36
CA LEU B 92 9.55 1.74 5.01
C LEU B 92 9.21 0.26 5.11
N VAL B 93 9.00 -0.22 6.34
CA VAL B 93 8.43 -1.53 6.57
C VAL B 93 6.94 -1.35 6.85
N LEU B 94 6.11 -2.04 6.07
CA LEU B 94 4.67 -1.90 6.13
C LEU B 94 4.02 -3.10 6.81
N CYS B 95 3.17 -2.84 7.81
CA CYS B 95 2.44 -3.88 8.53
C CYS B 95 0.95 -3.56 8.53
N ASN B 96 0.15 -4.59 8.24
CA ASN B 96 -1.30 -4.47 8.30
C ASN B 96 -1.82 -5.31 9.45
N THR B 97 -2.43 -4.66 10.44
CA THR B 97 -2.95 -5.35 11.62
C THR B 97 -4.21 -6.13 11.27
N GLU B 98 -4.96 -5.63 10.28
CA GLU B 98 -6.18 -6.25 9.82
C GLU B 98 -7.21 -6.33 10.94
N GLY B 99 -7.10 -5.42 11.92
CA GLY B 99 -7.99 -5.39 13.07
C GLY B 99 -7.47 -6.21 14.25
N ASP B 100 -6.92 -7.39 13.95
CA ASP B 100 -6.44 -8.34 14.94
C ASP B 100 -5.37 -7.71 15.84
N GLU B 101 -5.46 -8.04 17.14
CA GLU B 101 -4.64 -7.43 18.17
C GLU B 101 -3.34 -8.20 18.42
N GLN B 102 -3.41 -9.53 18.38
CA GLN B 102 -2.23 -10.35 18.50
C GLN B 102 -1.33 -10.13 17.29
N ARG B 103 -1.94 -10.08 16.10
CA ARG B 103 -1.22 -9.77 14.88
C ARG B 103 -0.48 -8.44 15.02
N MET B 104 -1.17 -7.44 15.58
CA MET B 104 -0.58 -6.13 15.79
C MET B 104 0.63 -6.22 16.71
N ASN B 105 0.48 -6.92 17.84
CA ASN B 105 1.57 -7.07 18.79
C ASN B 105 2.74 -7.88 18.23
N ARG B 106 2.43 -8.88 17.41
CA ARG B 106 3.46 -9.67 16.74
C ARG B 106 4.24 -8.80 15.76
N ASN B 107 3.52 -7.95 15.01
CA ASN B 107 4.16 -7.01 14.11
C ASN B 107 5.10 -6.08 14.86
N LEU B 108 4.61 -5.51 15.96
CA LEU B 108 5.38 -4.60 16.79
C LEU B 108 6.68 -5.21 17.26
N GLU B 109 6.59 -6.44 17.78
CA GLU B 109 7.75 -7.14 18.28
C GLU B 109 8.82 -7.33 17.20
N THR B 110 8.39 -7.72 15.99
CA THR B 110 9.32 -7.88 14.88
C THR B 110 10.05 -6.57 14.58
N LEU B 111 9.28 -5.49 14.50
CA LEU B 111 9.83 -4.19 14.18
C LEU B 111 10.85 -3.76 15.24
N MET B 112 10.53 -3.97 16.51
CA MET B 112 11.42 -3.58 17.60
C MET B 112 12.67 -4.46 17.58
N GLN B 113 12.50 -5.76 17.34
CA GLN B 113 13.62 -6.67 17.21
C GLN B 113 14.56 -6.31 16.06
N LYS B 114 14.00 -5.76 14.98
CA LYS B 114 14.79 -5.33 13.84
C LYS B 114 15.31 -3.90 14.01
N ARG B 115 14.93 -3.27 15.12
CA ARG B 115 15.50 -1.99 15.55
C ARG B 115 15.21 -0.86 14.57
N VAL B 116 13.94 -0.73 14.17
CA VAL B 116 13.49 0.40 13.38
C VAL B 116 13.73 1.68 14.18
N ASP B 117 14.04 2.76 13.46
CA ASP B 117 14.38 4.02 14.10
C ASP B 117 13.13 4.77 14.56
N GLY B 118 11.98 4.46 13.95
CA GLY B 118 10.73 5.14 14.28
C GLY B 118 9.49 4.33 13.94
N LEU B 119 8.37 4.72 14.57
CA LEU B 119 7.09 4.04 14.41
C LEU B 119 5.93 4.94 14.02
N LEU B 120 5.25 4.60 12.92
CA LEU B 120 3.97 5.19 12.56
C LEU B 120 2.85 4.25 12.95
N LEU B 121 2.13 4.58 14.02
CA LEU B 121 1.06 3.74 14.52
C LEU B 121 -0.27 4.36 14.09
N LEU B 122 -0.73 3.97 12.91
CA LEU B 122 -1.92 4.53 12.31
C LEU B 122 -3.04 3.50 12.18
N CYS B 123 -3.04 2.53 13.11
CA CYS B 123 -4.15 1.61 13.26
C CYS B 123 -5.37 2.34 13.82
N THR B 124 -6.56 2.03 13.26
CA THR B 124 -7.82 2.58 13.71
C THR B 124 -8.40 1.80 14.89
N GLU B 125 -8.14 0.49 14.91
CA GLU B 125 -8.69 -0.36 15.97
C GLU B 125 -8.18 0.12 17.33
N THR B 126 -9.01 -0.12 18.36
CA THR B 126 -8.90 0.51 19.67
C THR B 126 -7.78 0.01 20.59
N HIS B 127 -7.26 -1.20 20.34
CA HIS B 127 -6.36 -1.87 21.26
C HIS B 127 -5.10 -1.05 21.53
N GLN B 128 -4.49 -1.26 22.70
CA GLN B 128 -3.22 -0.64 23.00
C GLN B 128 -2.10 -1.67 22.82
N PRO B 129 -0.91 -1.25 22.32
CA PRO B 129 0.24 -2.13 22.26
C PRO B 129 0.63 -2.73 23.61
N SER B 130 0.84 -4.05 23.64
CA SER B 130 1.29 -4.74 24.83
C SER B 130 2.46 -4.00 25.47
N ARG B 131 2.29 -3.55 26.72
CA ARG B 131 3.31 -2.80 27.42
C ARG B 131 4.52 -3.68 27.72
N GLU B 132 4.28 -4.98 27.94
CA GLU B 132 5.34 -5.96 28.04
C GLU B 132 6.35 -5.74 26.93
N ILE B 133 5.86 -5.84 25.68
CA ILE B 133 6.70 -5.64 24.51
C ILE B 133 7.31 -4.24 24.54
N MET B 134 6.48 -3.21 24.67
CA MET B 134 6.94 -1.83 24.63
C MET B 134 8.12 -1.56 25.54
N GLN B 135 7.99 -1.95 26.81
CA GLN B 135 9.00 -1.64 27.81
C GLN B 135 10.16 -2.62 27.81
N ARG B 136 10.06 -3.68 27.00
CA ARG B 136 11.15 -4.61 26.81
C ARG B 136 12.23 -4.03 25.90
N TYR B 137 11.80 -3.37 24.82
CA TYR B 137 12.73 -2.87 23.81
C TYR B 137 13.07 -1.40 24.07
N PRO B 138 14.22 -0.91 23.57
CA PRO B 138 14.52 0.52 23.62
C PRO B 138 13.39 1.37 23.03
N THR B 139 13.02 2.44 23.72
CA THR B 139 11.90 3.27 23.28
C THR B 139 12.31 3.91 21.96
N VAL B 140 11.37 4.02 21.02
CA VAL B 140 11.63 4.65 19.74
C VAL B 140 10.65 5.79 19.50
N PRO B 141 11.05 6.84 18.76
CA PRO B 141 10.12 7.87 18.32
C PRO B 141 8.87 7.27 17.68
N THR B 142 7.71 7.82 18.07
CA THR B 142 6.43 7.29 17.65
C THR B 142 5.46 8.43 17.33
N VAL B 143 4.72 8.25 16.23
CA VAL B 143 3.61 9.13 15.90
C VAL B 143 2.37 8.24 15.85
N MET B 144 1.29 8.72 16.48
CA MET B 144 0.01 8.04 16.35
C MET B 144 -1.13 9.04 16.27
N MET B 145 -2.30 8.55 15.86
CA MET B 145 -3.52 9.35 15.88
C MET B 145 -3.90 9.50 17.35
N ASP B 146 -4.45 10.66 17.70
CA ASP B 146 -4.99 10.88 19.03
C ASP B 146 -6.35 10.21 19.12
N TRP B 147 -6.31 8.88 19.25
CA TRP B 147 -7.48 8.02 19.39
C TRP B 147 -7.42 7.23 20.70
N ALA B 148 -6.45 6.32 20.80
CA ALA B 148 -6.23 5.56 22.02
C ALA B 148 -5.61 6.41 23.13
N PRO B 149 -5.99 6.19 24.42
CA PRO B 149 -5.50 6.99 25.54
C PRO B 149 -4.00 6.86 25.82
N PHE B 150 -3.57 7.31 27.01
CA PHE B 150 -2.18 7.60 27.29
C PHE B 150 -1.15 6.77 26.52
N ASP B 151 -1.25 5.44 26.59
CA ASP B 151 -0.37 4.53 25.86
C ASP B 151 1.06 5.04 25.65
N GLY B 152 1.87 5.03 26.72
CA GLY B 152 3.26 5.48 26.64
C GLY B 152 3.39 6.96 26.31
N ASP B 153 4.53 7.34 25.73
CA ASP B 153 4.74 8.71 25.28
C ASP B 153 5.12 8.75 23.80
N SER B 154 4.44 9.63 23.05
CA SER B 154 4.60 9.72 21.60
C SER B 154 3.91 10.96 21.05
N ASP B 155 4.29 11.35 19.82
CA ASP B 155 3.72 12.51 19.17
C ASP B 155 2.35 12.13 18.60
N LEU B 156 1.46 13.11 18.53
CA LEU B 156 0.05 12.90 18.29
C LEU B 156 -0.49 13.73 17.13
N ILE B 157 -1.44 13.14 16.38
CA ILE B 157 -2.16 13.84 15.34
C ILE B 157 -3.66 13.74 15.60
N GLN B 158 -4.32 14.89 15.78
CA GLN B 158 -5.78 14.96 15.86
C GLN B 158 -6.38 15.26 14.50
N ASP B 159 -7.28 14.38 14.06
CA ASP B 159 -7.89 14.49 12.75
C ASP B 159 -9.09 15.43 12.75
N ASN B 160 -9.61 15.74 13.95
CA ASN B 160 -10.80 16.57 14.10
C ASN B 160 -12.01 15.94 13.42
N SER B 161 -12.15 14.62 13.52
CA SER B 161 -13.29 13.90 12.99
C SER B 161 -14.62 14.39 13.57
N LEU B 162 -14.61 14.81 14.85
CA LEU B 162 -15.82 15.24 15.51
C LEU B 162 -16.36 16.50 14.83
N LEU B 163 -15.48 17.48 14.60
CA LEU B 163 -15.89 18.73 13.98
C LEU B 163 -16.25 18.50 12.52
N GLY B 164 -15.55 17.55 11.88
CA GLY B 164 -15.85 17.14 10.53
C GLY B 164 -17.26 16.58 10.38
N GLY B 165 -17.61 15.61 11.23
CA GLY B 165 -18.94 15.03 11.26
C GLY B 165 -20.03 16.06 11.51
N ASP B 166 -19.76 16.98 12.46
CA ASP B 166 -20.64 18.09 12.73
C ASP B 166 -20.83 18.94 11.48
N LEU B 167 -19.73 19.32 10.84
CA LEU B 167 -19.80 20.17 9.67
C LEU B 167 -20.56 19.50 8.52
N ALA B 168 -20.32 18.20 8.32
CA ALA B 168 -20.98 17.46 7.26
C ALA B 168 -22.50 17.48 7.47
N THR B 169 -22.93 17.21 8.72
CA THR B 169 -24.34 17.17 9.04
C THR B 169 -24.95 18.56 8.95
N GLN B 170 -24.25 19.54 9.52
CA GLN B 170 -24.68 20.92 9.50
C GLN B 170 -24.96 21.40 8.07
N TYR B 171 -24.12 20.93 7.14
CA TYR B 171 -24.27 21.24 5.72
C TYR B 171 -25.60 20.74 5.18
N LEU B 172 -25.95 19.49 5.51
CA LEU B 172 -27.20 18.89 5.07
C LEU B 172 -28.38 19.63 5.70
N ILE B 173 -28.24 20.00 6.98
CA ILE B 173 -29.24 20.77 7.67
C ILE B 173 -29.44 22.11 6.96
N ASP B 174 -28.34 22.74 6.56
CA ASP B 174 -28.40 24.03 5.90
C ASP B 174 -28.98 23.97 4.49
N LYS B 175 -28.97 22.77 3.89
CA LYS B 175 -29.61 22.53 2.60
C LYS B 175 -31.11 22.29 2.78
N GLY B 176 -31.55 22.14 4.04
CA GLY B 176 -32.95 22.03 4.36
C GLY B 176 -33.45 20.62 4.63
N HIS B 177 -32.53 19.64 4.59
CA HIS B 177 -32.88 18.27 4.94
C HIS B 177 -33.16 18.17 6.44
N THR B 178 -34.18 17.40 6.79
CA THR B 178 -34.55 17.17 8.18
C THR B 178 -34.47 15.71 8.59
N ARG B 179 -34.73 14.81 7.63
CA ARG B 179 -34.57 13.39 7.85
C ARG B 179 -33.18 12.98 7.34
N ILE B 180 -32.22 12.97 8.28
CA ILE B 180 -30.81 12.75 7.98
C ILE B 180 -30.31 11.53 8.74
N ALA B 181 -29.85 10.52 8.00
CA ALA B 181 -29.32 9.31 8.60
C ALA B 181 -27.79 9.35 8.62
N CYS B 182 -27.22 8.46 9.43
CA CYS B 182 -25.78 8.37 9.57
C CYS B 182 -25.33 6.92 9.42
N ILE B 183 -24.60 6.65 8.33
CA ILE B 183 -23.86 5.40 8.19
C ILE B 183 -22.49 5.64 8.79
N THR B 184 -22.14 4.81 9.78
CA THR B 184 -20.87 4.96 10.46
C THR B 184 -20.02 3.71 10.28
N GLY B 185 -18.73 3.85 10.60
CA GLY B 185 -17.82 2.72 10.67
C GLY B 185 -18.09 1.93 11.95
N PRO B 186 -17.33 0.83 12.20
CA PRO B 186 -17.47 0.12 13.46
C PRO B 186 -17.22 1.02 14.66
N LEU B 187 -18.15 1.04 15.60
CA LEU B 187 -18.13 2.02 16.67
C LEU B 187 -17.00 1.79 17.67
N ASP B 188 -16.32 0.64 17.58
CA ASP B 188 -15.09 0.39 18.33
C ASP B 188 -13.88 1.11 17.74
N LYS B 189 -14.04 1.76 16.57
CA LYS B 189 -12.99 2.56 15.96
C LYS B 189 -13.27 4.05 16.18
N THR B 190 -12.28 4.75 16.73
CA THR B 190 -12.49 6.09 17.25
C THR B 190 -13.00 7.08 16.21
N PRO B 191 -12.42 7.13 14.98
CA PRO B 191 -12.88 8.09 13.97
C PRO B 191 -14.35 7.88 13.58
N ALA B 192 -14.78 6.61 13.58
CA ALA B 192 -16.17 6.26 13.33
C ALA B 192 -17.07 6.84 14.43
N ARG B 193 -16.64 6.62 15.67
CA ARG B 193 -17.40 7.07 16.83
C ARG B 193 -17.49 8.59 16.84
N LEU B 194 -16.36 9.28 16.63
CA LEU B 194 -16.29 10.73 16.67
C LEU B 194 -17.20 11.38 15.62
N ARG B 195 -17.17 10.83 14.41
CA ARG B 195 -18.02 11.32 13.33
C ARG B 195 -19.50 11.18 13.67
N LEU B 196 -19.86 10.08 14.34
CA LEU B 196 -21.22 9.87 14.79
C LEU B 196 -21.62 10.93 15.82
N GLU B 197 -20.70 11.25 16.73
CA GLU B 197 -20.97 12.23 17.76
C GLU B 197 -21.12 13.63 17.17
N GLY B 198 -20.32 13.91 16.13
CA GLY B 198 -20.46 15.16 15.39
C GLY B 198 -21.86 15.30 14.80
N TYR B 199 -22.30 14.23 14.13
CA TYR B 199 -23.65 14.12 13.59
C TYR B 199 -24.71 14.39 14.66
N ARG B 200 -24.58 13.69 15.79
CA ARG B 200 -25.52 13.85 16.88
C ARG B 200 -25.58 15.31 17.36
N ALA B 201 -24.41 15.91 17.57
CA ALA B 201 -24.30 17.27 18.07
C ALA B 201 -25.03 18.27 17.18
N ALA B 202 -24.81 18.16 15.86
CA ALA B 202 -25.40 19.06 14.90
C ALA B 202 -26.92 18.88 14.85
N MET B 203 -27.37 17.63 14.96
CA MET B 203 -28.79 17.31 14.94
C MET B 203 -29.45 17.89 16.19
N LYS B 204 -28.84 17.64 17.35
CA LYS B 204 -29.34 18.15 18.61
C LYS B 204 -29.42 19.67 18.59
N ARG B 205 -28.35 20.29 18.08
CA ARG B 205 -28.26 21.74 18.05
C ARG B 205 -29.36 22.36 17.19
N ALA B 206 -29.80 21.63 16.16
CA ALA B 206 -30.90 22.08 15.31
C ALA B 206 -32.26 21.54 15.76
N GLY B 207 -32.26 20.76 16.84
CA GLY B 207 -33.49 20.18 17.37
C GLY B 207 -34.20 19.21 16.42
N LEU B 208 -33.41 18.50 15.60
CA LEU B 208 -33.94 17.48 14.71
C LEU B 208 -33.81 16.13 15.41
N ASN B 209 -34.89 15.33 15.31
CA ASN B 209 -34.93 14.01 15.92
C ASN B 209 -34.09 13.04 15.10
N ILE B 210 -33.52 12.05 15.79
CA ILE B 210 -32.89 10.92 15.15
C ILE B 210 -33.77 9.70 15.40
N PRO B 211 -34.58 9.29 14.41
CA PRO B 211 -35.34 8.04 14.50
C PRO B 211 -34.47 6.86 14.88
N ASP B 212 -35.09 5.82 15.46
CA ASP B 212 -34.38 4.74 16.09
C ASP B 212 -33.39 4.06 15.14
N GLY B 213 -33.81 3.79 13.90
CA GLY B 213 -32.97 3.08 12.96
C GLY B 213 -32.07 3.90 12.04
N TYR B 214 -31.93 5.21 12.31
CA TYR B 214 -31.22 6.12 11.44
C TYR B 214 -29.70 6.13 11.60
N GLU B 215 -29.19 5.45 12.63
CA GLU B 215 -27.76 5.27 12.82
C GLU B 215 -27.41 3.81 12.52
N VAL B 216 -26.66 3.58 11.44
CA VAL B 216 -26.35 2.22 11.03
C VAL B 216 -24.84 2.02 10.88
N THR B 217 -24.39 0.86 11.35
CA THR B 217 -22.97 0.53 11.33
C THR B 217 -22.62 -0.35 10.13
N GLY B 218 -21.52 -0.02 9.47
CA GLY B 218 -20.87 -0.94 8.55
C GLY B 218 -19.37 -0.95 8.82
N ASP B 219 -18.63 -1.78 8.09
CA ASP B 219 -17.17 -1.72 8.09
C ASP B 219 -16.79 -0.69 7.04
N PHE B 220 -15.72 0.07 7.32
CA PHE B 220 -15.33 1.26 6.57
C PHE B 220 -14.96 0.99 5.12
N GLU B 221 -15.78 0.17 4.45
CA GLU B 221 -15.46 -0.41 3.17
C GLU B 221 -16.66 -0.27 2.24
N PHE B 222 -16.44 -0.54 0.95
CA PHE B 222 -17.51 -0.54 -0.02
C PHE B 222 -18.71 -1.36 0.47
N ASN B 223 -18.43 -2.61 0.85
N ASN B 223 -18.48 -2.62 0.84
CA ASN B 223 -19.49 -3.56 1.18
CA ASN B 223 -19.60 -3.50 1.12
C ASN B 223 -20.29 -3.09 2.39
C ASN B 223 -20.30 -3.17 2.44
N GLY B 224 -19.57 -2.52 3.37
CA GLY B 224 -20.19 -2.02 4.59
C GLY B 224 -21.23 -0.95 4.28
N GLY B 225 -20.86 0.00 3.42
CA GLY B 225 -21.78 1.02 2.97
C GLY B 225 -22.97 0.45 2.21
N PHE B 226 -22.73 -0.58 1.41
CA PHE B 226 -23.79 -1.23 0.65
C PHE B 226 -24.80 -1.85 1.62
N ASP B 227 -24.31 -2.71 2.52
CA ASP B 227 -25.16 -3.37 3.49
C ASP B 227 -25.95 -2.38 4.33
N ALA B 228 -25.27 -1.32 4.79
CA ALA B 228 -25.90 -0.34 5.67
C ALA B 228 -27.02 0.42 4.98
N MET B 229 -26.85 0.72 3.69
CA MET B 229 -27.81 1.50 2.94
C MET B 229 -29.05 0.65 2.65
N ARG B 230 -28.83 -0.62 2.30
CA ARG B 230 -29.92 -1.56 2.10
C ARG B 230 -30.81 -1.60 3.34
N GLN B 231 -30.18 -1.68 4.51
CA GLN B 231 -30.88 -1.65 5.78
C GLN B 231 -31.69 -0.36 5.91
N LEU B 232 -31.08 0.79 5.60
CA LEU B 232 -31.77 2.07 5.69
C LEU B 232 -32.99 2.16 4.78
N LEU B 233 -32.89 1.54 3.61
CA LEU B 233 -34.00 1.55 2.67
C LEU B 233 -35.20 0.75 3.19
N SER B 234 -34.94 -0.15 4.15
CA SER B 234 -35.98 -0.86 4.87
C SER B 234 -36.72 -0.02 5.91
N HIS B 235 -36.16 1.14 6.27
CA HIS B 235 -36.72 1.92 7.36
C HIS B 235 -38.09 2.46 6.95
N PRO B 236 -39.09 2.47 7.85
CA PRO B 236 -40.41 3.01 7.52
C PRO B 236 -40.32 4.44 6.97
N LEU B 237 -39.53 5.27 7.66
CA LEU B 237 -39.27 6.64 7.25
C LEU B 237 -38.00 6.68 6.41
N ARG B 238 -38.17 6.95 5.11
CA ARG B 238 -37.01 7.01 4.23
C ARG B 238 -36.26 8.30 4.49
N PRO B 239 -34.93 8.24 4.75
CA PRO B 239 -34.11 9.45 4.84
C PRO B 239 -34.08 10.27 3.55
N GLN B 240 -33.98 11.59 3.72
CA GLN B 240 -33.78 12.50 2.60
C GLN B 240 -32.30 12.60 2.27
N ALA B 241 -31.45 12.34 3.26
CA ALA B 241 -30.02 12.47 3.12
C ALA B 241 -29.28 11.56 4.09
N VAL B 242 -28.06 11.16 3.72
CA VAL B 242 -27.24 10.31 4.55
C VAL B 242 -25.80 10.81 4.56
N PHE B 243 -25.26 10.95 5.78
CA PHE B 243 -23.84 11.17 5.98
C PHE B 243 -23.18 9.81 6.22
N THR B 244 -22.25 9.45 5.34
CA THR B 244 -21.53 8.18 5.44
C THR B 244 -20.20 8.44 6.14
N GLY B 245 -19.77 7.46 6.93
CA GLY B 245 -18.56 7.60 7.73
C GLY B 245 -17.27 7.81 6.93
N ASN B 246 -17.23 7.30 5.70
CA ASN B 246 -16.15 7.63 4.79
C ASN B 246 -16.56 7.44 3.34
N ASP B 247 -15.67 7.83 2.42
CA ASP B 247 -15.95 7.76 1.00
C ASP B 247 -16.12 6.32 0.51
N ALA B 248 -15.35 5.39 1.09
CA ALA B 248 -15.47 3.99 0.72
C ALA B 248 -16.91 3.54 0.90
N MET B 249 -17.50 3.84 2.06
CA MET B 249 -18.87 3.44 2.34
C MET B 249 -19.85 4.12 1.37
N ALA B 250 -19.54 5.37 0.98
CA ALA B 250 -20.36 6.08 0.01
C ALA B 250 -20.42 5.37 -1.34
N VAL B 251 -19.34 4.70 -1.72
CA VAL B 251 -19.31 3.91 -2.93
C VAL B 251 -20.37 2.82 -2.85
N GLY B 252 -20.40 2.12 -1.72
CA GLY B 252 -21.41 1.12 -1.46
C GLY B 252 -22.83 1.68 -1.43
N VAL B 253 -22.98 2.88 -0.86
CA VAL B 253 -24.26 3.57 -0.84
C VAL B 253 -24.74 3.81 -2.27
N TYR B 254 -23.86 4.36 -3.11
CA TYR B 254 -24.19 4.56 -4.52
C TYR B 254 -24.73 3.28 -5.16
N GLN B 255 -24.06 2.16 -4.89
CA GLN B 255 -24.42 0.88 -5.49
C GLN B 255 -25.77 0.37 -5.01
N ALA B 256 -26.05 0.56 -3.73
CA ALA B 256 -27.33 0.17 -3.16
C ALA B 256 -28.48 0.96 -3.80
N LEU B 257 -28.28 2.27 -3.92
CA LEU B 257 -29.27 3.15 -4.51
C LEU B 257 -29.51 2.84 -5.99
N TYR B 258 -28.43 2.51 -6.70
CA TYR B 258 -28.52 2.11 -8.10
C TYR B 258 -29.43 0.88 -8.23
N GLN B 259 -29.20 -0.11 -7.36
CA GLN B 259 -30.01 -1.32 -7.36
C GLN B 259 -31.46 -1.07 -6.97
N ALA B 260 -31.70 -0.10 -6.08
CA ALA B 260 -33.04 0.30 -5.72
C ALA B 260 -33.67 1.27 -6.70
N GLU B 261 -32.97 1.54 -7.82
CA GLU B 261 -33.41 2.51 -8.81
C GLU B 261 -33.73 3.86 -8.19
N LEU B 262 -32.86 4.32 -7.27
CA LEU B 262 -32.98 5.62 -6.66
C LEU B 262 -31.82 6.50 -7.12
N GLN B 263 -32.10 7.80 -7.27
CA GLN B 263 -31.13 8.75 -7.79
C GLN B 263 -30.49 9.60 -6.69
N VAL B 264 -29.22 9.97 -6.91
CA VAL B 264 -28.52 10.93 -6.08
C VAL B 264 -28.25 12.18 -6.91
N PRO B 265 -28.61 13.41 -6.44
CA PRO B 265 -29.22 13.63 -5.14
C PRO B 265 -30.75 13.70 -5.14
N GLN B 266 -31.38 13.40 -6.28
CA GLN B 266 -32.80 13.69 -6.48
C GLN B 266 -33.68 12.97 -5.47
N ASP B 267 -33.39 11.68 -5.24
CA ASP B 267 -34.12 10.91 -4.24
C ASP B 267 -33.44 10.97 -2.89
N ILE B 268 -32.12 10.73 -2.84
CA ILE B 268 -31.36 10.83 -1.61
C ILE B 268 -30.05 11.58 -1.85
N ALA B 269 -29.76 12.53 -0.95
CA ALA B 269 -28.51 13.27 -0.93
C ALA B 269 -27.48 12.52 -0.10
N VAL B 270 -26.21 12.54 -0.55
CA VAL B 270 -25.15 11.78 0.10
C VAL B 270 -23.92 12.65 0.33
N ILE B 271 -23.32 12.53 1.52
CA ILE B 271 -22.06 13.18 1.82
C ILE B 271 -21.11 12.22 2.54
N GLY B 272 -19.86 12.14 2.06
CA GLY B 272 -18.86 11.20 2.54
C GLY B 272 -17.82 11.86 3.43
N TYR B 273 -16.64 11.24 3.57
CA TYR B 273 -15.62 11.85 4.43
C TYR B 273 -14.22 12.19 3.91
N ASP B 274 -13.46 11.26 3.32
CA ASP B 274 -12.03 11.52 3.13
C ASP B 274 -11.58 12.42 1.96
N ASP B 275 -12.49 12.58 0.99
CA ASP B 275 -12.18 13.10 -0.34
C ASP B 275 -11.02 12.36 -1.01
N ILE B 276 -11.12 11.02 -1.03
CA ILE B 276 -10.23 10.21 -1.83
C ILE B 276 -10.30 10.62 -3.30
N GLU B 277 -9.24 10.31 -4.03
CA GLU B 277 -9.15 10.64 -5.45
C GLU B 277 -10.44 10.31 -6.20
N LEU B 278 -10.98 9.11 -5.95
CA LEU B 278 -12.17 8.62 -6.64
C LEU B 278 -13.40 9.51 -6.48
N ALA B 279 -13.53 10.19 -5.32
CA ALA B 279 -14.70 10.99 -5.02
C ALA B 279 -15.10 11.89 -6.18
N SER B 280 -14.10 12.52 -6.82
CA SER B 280 -14.40 13.50 -7.85
C SER B 280 -14.80 12.83 -9.16
N PHE B 281 -14.52 11.53 -9.31
CA PHE B 281 -14.90 10.79 -10.51
C PHE B 281 -16.22 10.03 -10.38
N MET B 282 -16.84 10.08 -9.19
CA MET B 282 -18.12 9.42 -9.00
C MET B 282 -19.21 10.12 -9.79
N THR B 283 -20.34 9.41 -9.99
CA THR B 283 -21.46 9.91 -10.78
C THR B 283 -22.75 9.89 -9.96
N PRO B 284 -23.20 11.01 -9.36
CA PRO B 284 -22.52 12.29 -9.46
C PRO B 284 -21.28 12.39 -8.57
N PRO B 285 -20.38 13.37 -8.81
CA PRO B 285 -19.23 13.57 -7.93
C PRO B 285 -19.65 13.77 -6.48
N LEU B 286 -18.89 13.15 -5.58
CA LEU B 286 -19.28 13.06 -4.18
C LEU B 286 -18.93 14.33 -3.41
N THR B 287 -19.95 14.94 -2.80
CA THR B 287 -19.73 15.92 -1.76
C THR B 287 -19.14 15.19 -0.56
N THR B 288 -18.07 15.74 0.02
CA THR B 288 -17.33 15.04 1.06
C THR B 288 -16.44 16.01 1.85
N ILE B 289 -16.00 15.54 3.03
CA ILE B 289 -15.06 16.27 3.85
C ILE B 289 -13.65 15.89 3.43
N HIS B 290 -12.88 16.83 2.88
CA HIS B 290 -11.48 16.59 2.61
C HIS B 290 -10.71 16.51 3.93
N GLN B 291 -9.84 15.51 4.02
CA GLN B 291 -8.78 15.52 5.02
C GLN B 291 -7.49 15.12 4.30
N PRO B 292 -6.31 15.54 4.81
CA PRO B 292 -5.04 15.11 4.26
C PRO B 292 -4.85 13.59 4.28
N LYS B 293 -4.24 13.07 3.23
CA LYS B 293 -3.99 11.64 3.09
C LYS B 293 -2.50 11.47 2.76
N ASP B 294 -2.16 11.72 1.50
CA ASP B 294 -0.77 11.73 1.07
C ASP B 294 -0.01 12.74 1.91
N GLU B 295 -0.58 13.94 2.04
CA GLU B 295 0.00 15.01 2.85
C GLU B 295 0.12 14.61 4.31
N LEU B 296 -0.83 13.81 4.81
CA LEU B 296 -0.78 13.30 6.17
C LEU B 296 0.42 12.36 6.37
N GLY B 297 0.62 11.45 5.41
CA GLY B 297 1.80 10.61 5.38
C GLY B 297 3.10 11.41 5.47
N GLU B 298 3.18 12.48 4.66
CA GLU B 298 4.37 13.32 4.62
C GLU B 298 4.59 14.01 5.96
N LEU B 299 3.49 14.48 6.55
CA LEU B 299 3.56 15.20 7.80
C LEU B 299 4.01 14.28 8.94
N ALA B 300 3.45 13.07 8.99
CA ALA B 300 3.78 12.11 10.03
C ALA B 300 5.27 11.78 10.02
N ILE B 301 5.84 11.59 8.83
CA ILE B 301 7.25 11.34 8.68
C ILE B 301 8.08 12.53 9.13
N ASP B 302 7.67 13.74 8.72
CA ASP B 302 8.39 14.95 9.09
C ASP B 302 8.47 15.07 10.60
N VAL B 303 7.35 14.82 11.28
CA VAL B 303 7.28 14.84 12.74
C VAL B 303 8.24 13.80 13.33
N LEU B 304 8.18 12.58 12.78
CA LEU B 304 8.96 11.48 13.33
C LEU B 304 10.45 11.75 13.21
N ILE B 305 10.87 12.32 12.08
CA ILE B 305 12.27 12.60 11.84
C ILE B 305 12.76 13.80 12.64
N HIS B 306 11.89 14.79 12.85
CA HIS B 306 12.20 15.93 13.69
C HIS B 306 12.60 15.43 15.08
N ARG B 307 11.89 14.41 15.59
CA ARG B 307 12.16 13.86 16.90
C ARG B 307 13.44 13.03 16.93
N ILE B 308 13.65 12.23 15.89
CA ILE B 308 14.92 11.51 15.74
C ILE B 308 16.08 12.48 15.83
N THR B 309 15.94 13.61 15.14
CA THR B 309 16.97 14.64 15.07
C THR B 309 17.15 15.39 16.38
N GLN B 310 16.04 15.74 17.04
CA GLN B 310 16.07 16.43 18.31
C GLN B 310 15.32 15.60 19.34
N PRO B 311 15.94 14.56 19.94
CA PRO B 311 15.25 13.72 20.92
C PRO B 311 14.74 14.48 22.15
N THR B 312 15.32 15.66 22.41
CA THR B 312 14.91 16.54 23.48
C THR B 312 13.44 16.97 23.50
N LEU B 313 12.83 17.00 22.31
CA LEU B 313 11.59 17.75 22.12
C LEU B 313 10.43 17.12 22.88
N GLN B 314 9.55 17.99 23.41
CA GLN B 314 8.37 17.54 24.14
C GLN B 314 7.23 17.26 23.18
N GLN B 315 6.28 16.43 23.64
CA GLN B 315 5.22 15.89 22.82
C GLN B 315 4.70 16.87 21.78
N GLN B 316 4.77 16.47 20.50
CA GLN B 316 4.11 17.21 19.43
C GLN B 316 2.63 16.84 19.38
N ARG B 317 1.78 17.85 19.22
CA ARG B 317 0.37 17.66 18.93
C ARG B 317 0.04 18.48 17.69
N LEU B 318 -0.28 17.79 16.59
CA LEU B 318 -0.72 18.45 15.38
C LEU B 318 -2.20 18.17 15.13
N GLN B 319 -2.86 19.13 14.51
CA GLN B 319 -4.26 19.00 14.17
C GLN B 319 -4.49 19.18 12.68
N LEU B 320 -5.34 18.33 12.11
CA LEU B 320 -5.69 18.42 10.71
C LEU B 320 -6.90 19.36 10.60
N THR B 321 -7.02 20.03 9.45
CA THR B 321 -8.17 20.87 9.14
C THR B 321 -9.05 20.22 8.10
N PRO B 322 -10.22 19.67 8.47
CA PRO B 322 -11.19 19.20 7.48
C PRO B 322 -11.69 20.32 6.58
N ILE B 323 -11.91 20.01 5.29
CA ILE B 323 -12.49 20.98 4.36
C ILE B 323 -13.65 20.34 3.62
N LEU B 324 -14.80 21.02 3.54
CA LEU B 324 -15.95 20.47 2.85
C LEU B 324 -15.85 20.78 1.35
N MET B 325 -15.92 19.74 0.53
CA MET B 325 -15.89 19.85 -0.91
C MET B 325 -17.32 19.66 -1.40
N GLU B 326 -17.98 20.77 -1.79
CA GLU B 326 -19.31 20.71 -2.36
C GLU B 326 -19.27 20.25 -3.81
N ARG B 327 -19.97 19.14 -4.09
CA ARG B 327 -20.09 18.62 -5.44
C ARG B 327 -21.56 18.30 -5.71
N GLY B 328 -21.84 17.27 -6.51
CA GLY B 328 -23.19 17.00 -6.98
C GLY B 328 -24.05 16.06 -6.15
N SER B 329 -23.44 15.38 -5.16
CA SER B 329 -24.15 14.38 -4.38
C SER B 329 -25.01 14.98 -3.27
N ALA B 330 -24.66 16.21 -2.85
CA ALA B 330 -25.40 16.95 -1.84
C ALA B 330 -24.92 18.39 -1.77
S SO4 E . -2.83 -3.53 -14.35
O1 SO4 E . -3.56 -3.88 -15.53
O2 SO4 E . -3.32 -2.28 -13.81
O3 SO4 E . -1.42 -3.41 -14.68
O4 SO4 E . -2.99 -4.58 -13.38
S SO4 F . -10.66 7.28 7.19
O1 SO4 F . -11.65 8.30 7.29
O2 SO4 F . -10.59 6.54 8.43
O3 SO4 F . -11.00 6.37 6.11
O4 SO4 F . -9.38 7.87 6.93
S SO4 G . -3.91 14.87 0.21
O1 SO4 G . -4.50 15.67 -0.84
O2 SO4 G . -2.94 15.64 0.92
O3 SO4 G . -4.95 14.45 1.12
O4 SO4 G . -3.29 13.71 -0.37
#